data_8C7T
#
_entry.id   8C7T
#
_cell.length_a   32.988
_cell.length_b   171.241
_cell.length_c   215.236
_cell.angle_alpha   90.00
_cell.angle_beta   90.00
_cell.angle_gamma   90.00
#
_symmetry.space_group_name_H-M   'P 21 21 21'
#
loop_
_entity.id
_entity.type
_entity.pdbx_description
1 polymer 'GTP-sensing transcriptional pleiotropic repressor CodY'
2 water water
#
_entity_poly.entity_id   1
_entity_poly.type   'polypeptide(L)'
_entity_poly.pdbx_seq_one_letter_code
;GAMATLLEKTRQVNELLQKNNLFDVQAELPYNKMAMILGDILESNAYIISSSGDLLGYTEKLDVNNARIKNMFKEKKFPQ
GYTEAVDMLKVTEANIPIDSDLTAFPFESRELYPFGLTTIVPLYGAGKRLGTIILARVEKSFNEDDLVLAEYSATVVGMQ
ILYHQSRTIEAEVRSATAVQMAINTLSYSELKAVHAIFEALDGEEGRLTASSIADEIGITRSVIVNALRKLESAGIIESR
SLGMKGTYLKVLNQQFIKELEK
;
_entity_poly.pdbx_strand_id   A,B,C,D
#
# COMPACT_ATOMS: atom_id res chain seq x y z
N GLY A 1 4.03 13.59 -0.33
CA GLY A 1 2.58 13.30 -0.47
C GLY A 1 2.22 12.85 -1.88
N ALA A 2 3.23 12.42 -2.66
CA ALA A 2 2.95 11.93 -4.02
C ALA A 2 1.96 10.78 -4.02
N MET A 3 2.09 9.87 -3.04
CA MET A 3 1.17 8.75 -2.92
C MET A 3 -0.15 9.20 -2.35
N ALA A 4 -0.12 10.14 -1.40
CA ALA A 4 -1.34 10.70 -0.84
C ALA A 4 -2.12 11.47 -1.89
N THR A 5 -1.41 12.14 -2.79
CA THR A 5 -2.10 12.85 -3.87
C THR A 5 -2.82 11.85 -4.77
N LEU A 6 -2.11 10.80 -5.17
CA LEU A 6 -2.74 9.77 -6.01
C LEU A 6 -3.94 9.16 -5.33
N LEU A 7 -3.80 8.76 -4.06
CA LEU A 7 -4.93 8.21 -3.35
C LEU A 7 -6.12 9.19 -3.35
N GLU A 8 -5.90 10.47 -3.07
CA GLU A 8 -7.03 11.39 -3.04
C GLU A 8 -7.71 11.45 -4.41
N LYS A 9 -6.91 11.40 -5.46
CA LYS A 9 -7.48 11.41 -6.80
C LYS A 9 -8.28 10.13 -7.06
N THR A 10 -7.75 8.96 -6.66
CA THR A 10 -8.53 7.75 -6.83
C THR A 10 -9.83 7.87 -6.06
N ARG A 11 -9.80 8.52 -4.90
CA ARG A 11 -11.02 8.64 -4.11
C ARG A 11 -12.01 9.60 -4.78
N GLN A 12 -11.50 10.67 -5.36
CA GLN A 12 -12.39 11.54 -6.12
C GLN A 12 -13.01 10.76 -7.27
N VAL A 13 -12.21 9.94 -7.96
CA VAL A 13 -12.78 9.12 -9.02
C VAL A 13 -13.86 8.21 -8.46
N ASN A 14 -13.61 7.63 -7.30
CA ASN A 14 -14.61 6.77 -6.68
C ASN A 14 -15.89 7.56 -6.39
N GLU A 15 -15.76 8.66 -5.67
CA GLU A 15 -16.96 9.41 -5.25
C GLU A 15 -17.78 9.85 -6.44
N LEU A 16 -17.10 10.22 -7.53
CA LEU A 16 -17.80 10.79 -8.67
C LEU A 16 -18.26 9.76 -9.67
N LEU A 17 -17.53 8.67 -9.83
CA LEU A 17 -17.84 7.69 -10.88
C LEU A 17 -18.13 6.29 -10.35
N GLN A 18 -17.63 5.91 -9.19
CA GLN A 18 -18.00 4.59 -8.69
C GLN A 18 -19.31 4.64 -7.93
N LYS A 19 -19.58 5.75 -7.24
CA LYS A 19 -20.77 5.88 -6.42
C LYS A 19 -21.91 6.60 -7.14
N ASN A 20 -21.85 6.75 -8.45
CA ASN A 20 -22.98 7.31 -9.18
C ASN A 20 -23.15 6.55 -10.48
N ASN A 21 -24.40 6.47 -10.95
CA ASN A 21 -24.71 6.04 -12.31
C ASN A 21 -24.60 7.21 -13.28
N LEU A 22 -23.81 7.06 -14.35
CA LEU A 22 -23.45 8.20 -15.19
C LEU A 22 -23.83 8.02 -16.65
N PHE A 23 -24.86 7.22 -16.95
CA PHE A 23 -25.26 7.04 -18.34
C PHE A 23 -26.31 8.10 -18.65
N ASP A 24 -25.94 9.10 -19.47
CA ASP A 24 -26.83 10.21 -19.85
C ASP A 24 -27.70 9.70 -20.99
N VAL A 25 -28.89 9.21 -20.65
CA VAL A 25 -29.82 8.76 -21.68
C VAL A 25 -30.37 9.94 -22.46
N GLN A 26 -30.60 9.73 -23.75
CA GLN A 26 -31.13 10.75 -24.65
C GLN A 26 -30.20 11.96 -24.74
N ALA A 27 -28.91 11.76 -24.43
CA ALA A 27 -27.89 12.80 -24.55
C ALA A 27 -27.10 12.64 -25.85
N GLU A 28 -26.29 13.65 -26.15
CA GLU A 28 -25.42 13.55 -27.31
C GLU A 28 -24.56 12.30 -27.22
N LEU A 29 -23.67 12.26 -26.24
CA LEU A 29 -22.89 11.08 -25.90
C LEU A 29 -23.18 10.68 -24.45
N PRO A 30 -23.45 9.40 -24.17
CA PRO A 30 -23.86 9.03 -22.81
C PRO A 30 -22.77 9.26 -21.78
N TYR A 31 -21.53 9.21 -22.21
CA TYR A 31 -20.40 9.23 -21.30
C TYR A 31 -19.65 10.53 -21.44
N ASN A 32 -20.34 11.61 -21.87
CA ASN A 32 -19.69 12.91 -21.94
C ASN A 32 -19.35 13.44 -20.55
N LYS A 33 -20.28 13.31 -19.62
CA LYS A 33 -20.01 13.69 -18.24
C LYS A 33 -18.88 12.84 -17.64
N MET A 34 -18.87 11.53 -17.90
CA MET A 34 -17.75 10.70 -17.43
C MET A 34 -16.43 11.18 -18.03
N ALA A 35 -16.41 11.47 -19.31
CA ALA A 35 -15.18 11.96 -19.91
C ALA A 35 -14.70 13.25 -19.25
N MET A 36 -15.62 14.18 -18.98
CA MET A 36 -15.25 15.46 -18.38
C MET A 36 -14.63 15.23 -17.01
N ILE A 37 -15.26 14.40 -16.19
CA ILE A 37 -14.69 14.12 -14.88
C ILE A 37 -13.28 13.54 -15.05
N LEU A 38 -13.13 12.57 -15.93
CA LEU A 38 -11.81 11.99 -16.11
C LEU A 38 -10.78 13.02 -16.56
N GLY A 39 -11.14 13.82 -17.58
CA GLY A 39 -10.24 14.88 -18.05
C GLY A 39 -9.88 15.85 -16.95
N ASP A 40 -10.81 16.17 -16.08
CA ASP A 40 -10.51 17.02 -14.96
C ASP A 40 -9.47 16.38 -14.04
N ILE A 41 -9.75 15.19 -13.54
CA ILE A 41 -8.83 14.61 -12.56
C ILE A 41 -7.50 14.23 -13.19
N LEU A 42 -7.50 13.83 -14.44
CA LEU A 42 -6.25 13.46 -15.09
C LEU A 42 -5.58 14.61 -15.82
N GLU A 43 -6.15 15.82 -15.78
CA GLU A 43 -5.55 16.97 -16.44
C GLU A 43 -5.27 16.68 -17.91
N SER A 44 -6.30 16.24 -18.61
CA SER A 44 -6.14 15.87 -20.00
C SER A 44 -7.47 16.06 -20.69
N ASN A 45 -7.41 16.07 -22.01
CA ASN A 45 -8.60 15.77 -22.76
C ASN A 45 -8.80 14.25 -22.72
N ALA A 46 -10.05 13.81 -22.88
CA ALA A 46 -10.39 12.41 -22.72
C ALA A 46 -11.46 12.00 -23.72
N TYR A 47 -11.31 10.77 -24.24
CA TYR A 47 -12.19 10.15 -25.21
C TYR A 47 -12.47 8.72 -24.78
N ILE A 48 -13.73 8.33 -24.86
CA ILE A 48 -14.16 7.01 -24.47
C ILE A 48 -14.70 6.33 -25.69
N ILE A 49 -14.07 5.21 -26.06
CA ILE A 49 -14.33 4.42 -27.26
C ILE A 49 -14.91 3.08 -26.82
N SER A 50 -16.03 2.73 -27.39
CA SER A 50 -16.66 1.47 -27.12
C SER A 50 -15.84 0.31 -27.69
N SER A 51 -16.23 -0.89 -27.30
CA SER A 51 -15.54 -2.06 -27.79
C SER A 51 -15.62 -2.20 -29.30
N SER A 52 -16.60 -1.57 -29.95
CA SER A 52 -16.79 -1.63 -31.39
C SER A 52 -16.21 -0.43 -32.13
N GLY A 53 -15.46 0.42 -31.44
CA GLY A 53 -14.84 1.57 -32.08
C GLY A 53 -15.69 2.81 -32.20
N ASP A 54 -16.83 2.88 -31.51
CA ASP A 54 -17.68 4.07 -31.53
C ASP A 54 -17.28 5.01 -30.41
N LEU A 55 -17.17 6.31 -30.73
CA LEU A 55 -16.88 7.32 -29.72
C LEU A 55 -18.09 7.49 -28.83
N LEU A 56 -17.94 7.15 -27.56
CA LEU A 56 -19.06 7.17 -26.61
C LEU A 56 -19.14 8.45 -25.78
N GLY A 57 -18.06 9.20 -25.72
CA GLY A 57 -18.04 10.42 -24.94
C GLY A 57 -16.65 11.00 -24.98
N TYR A 58 -16.53 12.31 -24.85
CA TYR A 58 -15.24 12.96 -24.88
C TYR A 58 -15.39 14.35 -24.25
N THR A 59 -14.27 14.93 -23.87
CA THR A 59 -14.22 16.30 -23.39
C THR A 59 -12.93 16.86 -23.94
N GLU A 60 -13.02 18.06 -24.51
CA GLU A 60 -11.90 18.86 -24.97
C GLU A 60 -11.96 20.25 -24.34
N LYS A 61 -10.83 20.72 -23.81
CA LYS A 61 -10.79 22.03 -23.16
C LYS A 61 -11.00 23.15 -24.17
N LEU A 62 -12.03 23.97 -23.96
CA LEU A 62 -12.29 25.09 -24.86
C LEU A 62 -11.39 26.28 -24.52
N ASP A 63 -10.79 26.87 -25.55
CA ASP A 63 -10.07 28.14 -25.47
C ASP A 63 -11.03 29.30 -25.65
N VAL A 64 -11.36 29.99 -24.57
CA VAL A 64 -12.33 31.08 -24.65
C VAL A 64 -11.94 32.10 -25.72
N ASN A 65 -10.64 32.41 -25.80
CA ASN A 65 -10.18 33.50 -26.64
C ASN A 65 -10.54 33.29 -28.10
N ASN A 66 -10.49 32.05 -28.58
CA ASN A 66 -10.70 31.80 -30.00
C ASN A 66 -12.03 31.12 -30.26
N ALA A 67 -12.96 31.26 -29.34
CA ALA A 67 -14.23 30.57 -29.45
C ALA A 67 -15.01 31.21 -30.55
N ARG A 68 -15.67 30.42 -31.38
CA ARG A 68 -16.64 30.97 -32.32
C ARG A 68 -17.85 30.16 -31.94
N ILE A 69 -18.96 30.76 -31.56
CA ILE A 69 -20.12 30.01 -31.07
C ILE A 69 -20.53 28.95 -32.08
N LYS A 70 -20.36 29.24 -33.36
CA LYS A 70 -20.67 28.24 -34.38
C LYS A 70 -19.61 27.15 -34.44
N ASN A 71 -18.33 27.48 -34.22
CA ASN A 71 -17.30 26.43 -34.24
C ASN A 71 -17.36 25.53 -33.01
N MET A 72 -18.11 25.92 -31.98
CA MET A 72 -18.21 25.16 -30.74
C MET A 72 -19.17 24.00 -30.91
N PHE A 73 -19.98 23.99 -31.97
CA PHE A 73 -20.96 22.95 -32.23
C PHE A 73 -20.44 21.83 -33.13
N LYS A 74 -19.16 21.84 -33.49
CA LYS A 74 -18.63 20.82 -34.37
C LYS A 74 -18.48 19.47 -33.65
N GLU A 75 -19.01 18.42 -34.27
CA GLU A 75 -18.88 17.06 -33.75
C GLU A 75 -17.45 16.56 -33.94
N LYS A 76 -16.89 16.02 -32.83
CA LYS A 76 -15.55 15.42 -32.86
C LYS A 76 -15.52 14.24 -33.80
N LYS A 77 -14.51 14.19 -34.67
CA LYS A 77 -14.37 13.09 -35.62
C LYS A 77 -12.90 12.69 -35.65
N PHE A 78 -12.65 11.41 -35.61
CA PHE A 78 -11.30 10.86 -35.74
C PHE A 78 -11.04 10.41 -37.17
N PRO A 79 -9.78 10.38 -37.61
CA PRO A 79 -9.49 9.81 -38.93
C PRO A 79 -10.11 8.42 -39.04
N GLN A 80 -10.64 8.11 -40.23
CA GLN A 80 -11.30 6.82 -40.43
C GLN A 80 -10.33 5.69 -40.11
N GLY A 81 -10.82 4.69 -39.36
CA GLY A 81 -10.02 3.58 -38.91
C GLY A 81 -9.26 3.78 -37.61
N TYR A 82 -9.18 5.00 -37.09
CA TYR A 82 -8.44 5.24 -35.86
C TYR A 82 -9.06 4.50 -34.67
N THR A 83 -10.39 4.62 -34.52
CA THR A 83 -11.06 3.98 -33.39
C THR A 83 -10.95 2.47 -33.48
N GLU A 84 -11.04 1.91 -34.70
CA GLU A 84 -10.84 0.48 -34.89
C GLU A 84 -9.39 0.08 -34.63
N ALA A 85 -8.44 0.90 -35.04
CA ALA A 85 -7.04 0.58 -34.82
C ALA A 85 -6.70 0.47 -33.33
N VAL A 86 -7.22 1.39 -32.49
CA VAL A 86 -6.81 1.39 -31.09
C VAL A 86 -7.19 0.09 -30.41
N ASP A 87 -8.23 -0.58 -30.90
CA ASP A 87 -8.61 -1.86 -30.35
C ASP A 87 -7.52 -2.91 -30.51
N MET A 88 -6.61 -2.73 -31.46
CA MET A 88 -5.51 -3.69 -31.59
C MET A 88 -4.43 -3.48 -30.56
N LEU A 89 -4.40 -2.32 -29.91
CA LEU A 89 -3.53 -2.17 -28.74
C LEU A 89 -4.15 -2.91 -27.56
N LYS A 90 -3.39 -3.87 -26.99
CA LYS A 90 -3.89 -4.73 -25.93
C LYS A 90 -3.39 -4.34 -24.56
N VAL A 91 -2.34 -3.51 -24.48
CA VAL A 91 -1.90 -2.91 -23.24
C VAL A 91 -1.75 -1.40 -23.43
N THR A 92 -1.73 -0.71 -22.31
CA THR A 92 -1.61 0.73 -22.35
C THR A 92 -0.32 1.14 -23.04
N GLU A 93 -0.44 2.13 -23.93
CA GLU A 93 0.67 2.79 -24.58
C GLU A 93 0.63 4.25 -24.19
N ALA A 94 1.68 4.71 -23.52
CA ALA A 94 1.70 6.04 -22.93
C ALA A 94 2.65 6.98 -23.68
N ASN A 95 2.33 8.28 -23.62
CA ASN A 95 3.22 9.32 -24.13
C ASN A 95 3.57 9.11 -25.60
N ILE A 96 2.53 8.87 -26.38
CA ILE A 96 2.62 8.71 -27.83
C ILE A 96 2.84 10.11 -28.41
N PRO A 97 3.93 10.35 -29.13
CA PRO A 97 4.17 11.70 -29.68
C PRO A 97 3.21 12.00 -30.82
N ILE A 98 3.19 13.29 -31.21
CA ILE A 98 2.25 13.76 -32.22
C ILE A 98 2.61 13.27 -33.61
N ASP A 99 3.84 12.82 -33.83
CA ASP A 99 4.22 12.29 -35.13
C ASP A 99 3.66 10.90 -35.40
N SER A 100 3.10 10.22 -34.41
CA SER A 100 2.51 8.92 -34.61
C SER A 100 1.08 9.04 -35.10
N ASP A 101 0.67 8.12 -35.97
CA ASP A 101 -0.72 8.09 -36.39
C ASP A 101 -1.70 7.70 -35.29
N LEU A 102 -1.21 7.21 -34.15
CA LEU A 102 -2.08 6.91 -33.01
C LEU A 102 -2.31 8.13 -32.13
N THR A 103 -1.76 9.29 -32.47
CA THR A 103 -1.96 10.49 -31.67
C THR A 103 -3.44 10.85 -31.62
N ALA A 104 -3.87 11.38 -30.48
CA ALA A 104 -5.25 11.83 -30.37
C ALA A 104 -5.46 13.22 -30.93
N PHE A 105 -4.39 13.97 -31.13
CA PHE A 105 -4.51 15.33 -31.63
C PHE A 105 -4.86 15.32 -33.11
N PRO A 106 -5.83 16.11 -33.56
CA PRO A 106 -6.02 16.23 -35.01
C PRO A 106 -4.72 16.78 -35.59
N PHE A 107 -4.41 16.37 -36.81
CA PHE A 107 -3.10 16.72 -37.37
C PHE A 107 -3.01 18.21 -37.68
N GLU A 108 -4.14 18.89 -37.88
CA GLU A 108 -4.07 20.34 -38.09
C GLU A 108 -3.42 21.03 -36.90
N SER A 109 -3.72 20.56 -35.69
CA SER A 109 -3.14 21.09 -34.46
C SER A 109 -1.72 20.61 -34.25
N ARG A 110 -1.31 19.57 -34.98
CA ARG A 110 0.04 19.02 -34.85
C ARG A 110 1.09 20.11 -34.96
N GLU A 111 0.84 21.13 -35.76
CA GLU A 111 1.79 22.23 -35.90
C GLU A 111 1.78 23.12 -34.66
N LEU A 112 0.60 23.31 -34.06
CA LEU A 112 0.42 24.16 -32.89
C LEU A 112 0.77 23.46 -31.57
N TYR A 113 0.79 22.13 -31.55
CA TYR A 113 0.99 21.34 -30.34
C TYR A 113 2.23 20.43 -30.52
N PRO A 114 3.40 21.06 -30.53
CA PRO A 114 4.61 20.25 -30.80
C PRO A 114 4.81 19.12 -29.81
N PHE A 115 4.49 19.35 -28.54
CA PHE A 115 4.69 18.32 -27.52
C PHE A 115 3.42 17.58 -27.15
N GLY A 116 2.35 17.72 -27.92
CA GLY A 116 1.13 17.00 -27.57
C GLY A 116 1.41 15.52 -27.43
N LEU A 117 0.90 14.94 -26.35
CA LEU A 117 1.12 13.55 -25.97
C LEU A 117 -0.21 12.84 -25.82
N THR A 118 -0.29 11.64 -26.37
CA THR A 118 -1.49 10.81 -26.33
C THR A 118 -1.18 9.54 -25.54
N THR A 119 -2.10 9.13 -24.66
CA THR A 119 -2.01 7.88 -23.89
C THR A 119 -3.27 7.07 -24.10
N ILE A 120 -3.11 5.80 -24.51
CA ILE A 120 -4.24 4.94 -24.90
C ILE A 120 -4.31 3.80 -23.90
N VAL A 121 -5.49 3.61 -23.30
CA VAL A 121 -5.67 2.69 -22.18
C VAL A 121 -6.78 1.73 -22.53
N PRO A 122 -6.47 0.49 -22.84
CA PRO A 122 -7.53 -0.50 -23.05
C PRO A 122 -8.38 -0.65 -21.80
N LEU A 123 -9.67 -0.82 -21.99
CA LEU A 123 -10.57 -1.17 -20.91
C LEU A 123 -10.80 -2.68 -20.96
N TYR A 124 -10.29 -3.40 -19.96
CA TYR A 124 -10.52 -4.82 -19.79
C TYR A 124 -11.22 -5.05 -18.47
N GLY A 125 -12.23 -5.89 -18.49
CA GLY A 125 -12.85 -6.31 -17.26
C GLY A 125 -13.46 -7.67 -17.42
N ALA A 126 -13.20 -8.54 -16.43
CA ALA A 126 -13.77 -9.87 -16.39
C ALA A 126 -13.44 -10.65 -17.65
N GLY A 127 -12.25 -10.41 -18.20
CA GLY A 127 -11.80 -11.11 -19.38
C GLY A 127 -12.27 -10.53 -20.69
N LYS A 128 -13.08 -9.47 -20.68
CA LYS A 128 -13.62 -8.86 -21.89
C LYS A 128 -12.95 -7.51 -22.17
N ARG A 129 -12.73 -7.24 -23.46
CA ARG A 129 -12.36 -5.90 -23.92
C ARG A 129 -13.63 -5.05 -23.91
N LEU A 130 -13.66 -4.03 -23.07
CA LEU A 130 -14.84 -3.20 -22.89
C LEU A 130 -14.77 -1.87 -23.63
N GLY A 131 -13.63 -1.52 -24.18
CA GLY A 131 -13.46 -0.32 -24.94
C GLY A 131 -12.09 0.23 -24.72
N THR A 132 -11.95 1.54 -24.91
CA THR A 132 -10.64 2.17 -24.79
C THR A 132 -10.83 3.59 -24.30
N ILE A 133 -9.92 4.04 -23.46
CA ILE A 133 -9.89 5.41 -22.98
C ILE A 133 -8.63 6.02 -23.56
N ILE A 134 -8.79 7.22 -24.13
CA ILE A 134 -7.69 7.91 -24.77
C ILE A 134 -7.52 9.24 -24.07
N LEU A 135 -6.30 9.53 -23.66
CA LEU A 135 -5.99 10.76 -22.95
C LEU A 135 -5.00 11.58 -23.77
N ALA A 136 -5.16 12.91 -23.76
CA ALA A 136 -4.32 13.82 -24.53
C ALA A 136 -3.97 15.04 -23.69
N ARG A 137 -2.69 15.36 -23.66
CA ARG A 137 -2.16 16.52 -22.98
C ARG A 137 -1.34 17.33 -23.97
N VAL A 138 -1.37 18.65 -23.75
CA VAL A 138 -0.65 19.55 -24.64
C VAL A 138 0.86 19.35 -24.50
N GLU A 139 1.34 19.04 -23.30
CA GLU A 139 2.77 19.02 -23.07
C GLU A 139 3.27 18.06 -22.00
N LYS A 140 2.63 18.06 -20.84
CA LYS A 140 3.21 17.38 -19.70
C LYS A 140 3.11 15.88 -19.93
N SER A 141 4.19 15.18 -19.61
CA SER A 141 4.23 13.75 -19.83
C SER A 141 3.45 13.00 -18.75
N PHE A 142 2.91 11.84 -19.15
CA PHE A 142 2.21 10.93 -18.24
C PHE A 142 3.27 10.15 -17.49
N ASN A 143 3.44 10.46 -16.22
CA ASN A 143 4.37 9.75 -15.37
C ASN A 143 3.69 8.51 -14.77
N GLU A 144 4.42 7.80 -13.92
CA GLU A 144 3.86 6.58 -13.35
C GLU A 144 2.66 6.87 -12.45
N ASP A 145 2.65 7.99 -11.72
CA ASP A 145 1.47 8.38 -10.97
C ASP A 145 0.24 8.46 -11.89
N ASP A 146 0.41 9.04 -13.07
CA ASP A 146 -0.72 9.23 -13.98
C ASP A 146 -1.21 7.92 -14.54
N LEU A 147 -0.30 7.01 -14.86
CA LEU A 147 -0.72 5.74 -15.43
C LEU A 147 -1.52 4.95 -14.41
N VAL A 148 -1.10 4.98 -13.14
CA VAL A 148 -1.85 4.29 -12.10
C VAL A 148 -3.26 4.83 -12.09
N LEU A 149 -3.36 6.17 -12.03
CA LEU A 149 -4.66 6.81 -11.98
C LEU A 149 -5.43 6.50 -13.24
N ALA A 150 -4.75 6.54 -14.37
CA ALA A 150 -5.43 6.25 -15.61
C ALA A 150 -5.97 4.83 -15.62
N GLU A 151 -5.14 3.84 -15.21
CA GLU A 151 -5.59 2.44 -15.15
C GLU A 151 -6.75 2.27 -14.16
N TYR A 152 -6.63 2.93 -13.00
CA TYR A 152 -7.71 2.98 -12.02
C TYR A 152 -8.98 3.50 -12.68
N SER A 153 -8.82 4.62 -13.43
CA SER A 153 -9.96 5.25 -14.08
C SER A 153 -10.59 4.33 -15.10
N ALA A 154 -9.76 3.60 -15.87
CA ALA A 154 -10.25 2.66 -16.87
C ALA A 154 -11.13 1.56 -16.26
N THR A 155 -10.75 1.00 -15.11
CA THR A 155 -11.64 0.00 -14.52
C THR A 155 -12.96 0.62 -14.10
N VAL A 156 -12.91 1.84 -13.58
CA VAL A 156 -14.15 2.48 -13.13
C VAL A 156 -15.04 2.72 -14.33
N VAL A 157 -14.47 3.16 -15.44
CA VAL A 157 -15.29 3.31 -16.63
C VAL A 157 -15.81 1.95 -17.11
N GLY A 158 -14.95 0.94 -17.09
CA GLY A 158 -15.40 -0.38 -17.46
C GLY A 158 -16.61 -0.82 -16.67
N MET A 159 -16.63 -0.55 -15.35
CA MET A 159 -17.78 -0.92 -14.53
C MET A 159 -19.03 -0.23 -15.03
N GLN A 160 -18.92 1.06 -15.36
CA GLN A 160 -20.08 1.78 -15.88
C GLN A 160 -20.57 1.13 -17.16
N ILE A 161 -19.64 0.75 -18.05
CA ILE A 161 -20.02 0.17 -19.34
C ILE A 161 -20.70 -1.18 -19.14
N LEU A 162 -20.07 -2.05 -18.35
CA LEU A 162 -20.68 -3.32 -17.98
C LEU A 162 -22.04 -3.13 -17.32
N TYR A 163 -22.18 -2.17 -16.39
CA TYR A 163 -23.48 -1.98 -15.73
C TYR A 163 -24.54 -1.56 -16.74
N HIS A 164 -24.21 -0.62 -17.62
CA HIS A 164 -25.14 -0.25 -18.66
C HIS A 164 -25.52 -1.45 -19.53
N GLN A 165 -24.55 -2.30 -19.87
CA GLN A 165 -24.91 -3.45 -20.71
C GLN A 165 -25.95 -4.32 -20.03
N SER A 166 -25.83 -4.53 -18.71
CA SER A 166 -26.81 -5.36 -18.01
C SER A 166 -28.17 -4.67 -17.92
N ARG A 167 -28.18 -3.36 -17.72
CA ARG A 167 -29.48 -2.68 -17.71
C ARG A 167 -30.09 -2.61 -19.10
N THR A 168 -29.28 -2.76 -20.16
CA THR A 168 -29.82 -2.81 -21.51
C THR A 168 -30.42 -4.18 -21.81
N ILE A 169 -29.77 -5.25 -21.35
CA ILE A 169 -30.37 -6.57 -21.50
C ILE A 169 -31.63 -6.68 -20.65
N GLU A 170 -31.58 -6.10 -19.46
CA GLU A 170 -32.74 -6.18 -18.58
C GLU A 170 -33.96 -5.56 -19.21
N ALA A 171 -33.81 -4.37 -19.79
CA ALA A 171 -34.99 -3.69 -20.35
C ALA A 171 -35.44 -4.33 -21.65
N GLU A 172 -34.52 -4.94 -22.41
CA GLU A 172 -34.92 -5.59 -23.64
C GLU A 172 -35.73 -6.85 -23.35
N VAL A 173 -35.24 -7.68 -22.44
CA VAL A 173 -35.95 -8.93 -22.15
C VAL A 173 -37.26 -8.63 -21.45
N ARG A 174 -37.29 -7.61 -20.62
CA ARG A 174 -38.54 -7.19 -20.00
C ARG A 174 -39.57 -6.83 -21.06
N SER A 175 -39.15 -6.12 -22.10
CA SER A 175 -40.10 -5.70 -23.12
C SER A 175 -40.51 -6.85 -24.02
N ALA A 176 -39.59 -7.75 -24.34
CA ALA A 176 -39.93 -8.86 -25.21
C ALA A 176 -40.85 -9.84 -24.49
N THR A 177 -40.52 -10.21 -23.25
CA THR A 177 -41.39 -11.14 -22.54
C THR A 177 -42.78 -10.54 -22.33
N ALA A 178 -42.85 -9.24 -22.06
CA ALA A 178 -44.15 -8.60 -21.88
C ALA A 178 -44.97 -8.64 -23.17
N VAL A 179 -44.36 -8.23 -24.28
CA VAL A 179 -45.06 -8.23 -25.56
C VAL A 179 -45.51 -9.63 -25.92
N GLN A 180 -44.58 -10.60 -25.86
CA GLN A 180 -44.87 -11.93 -26.39
C GLN A 180 -45.93 -12.63 -25.56
N MET A 181 -45.86 -12.53 -24.24
CA MET A 181 -46.89 -13.16 -23.43
C MET A 181 -48.23 -12.47 -23.59
N ALA A 182 -48.24 -11.15 -23.82
CA ALA A 182 -49.50 -10.47 -24.11
C ALA A 182 -50.13 -10.98 -25.39
N ILE A 183 -49.32 -11.28 -26.41
CA ILE A 183 -49.84 -11.86 -27.64
C ILE A 183 -50.50 -13.22 -27.37
N ASN A 184 -49.86 -14.04 -26.55
CA ASN A 184 -50.35 -15.39 -26.27
C ASN A 184 -51.72 -15.34 -25.59
N THR A 185 -51.98 -14.32 -24.77
CA THR A 185 -53.30 -14.20 -24.15
C THR A 185 -54.40 -13.72 -25.11
N LEU A 186 -54.11 -13.54 -26.40
CA LEU A 186 -55.08 -13.02 -27.33
C LEU A 186 -55.57 -14.19 -28.19
N SER A 187 -56.91 -14.30 -28.42
CA SER A 187 -57.60 -15.25 -29.31
C SER A 187 -57.60 -14.73 -30.75
N TYR A 188 -58.19 -15.43 -31.75
CA TYR A 188 -58.32 -14.92 -33.16
C TYR A 188 -59.02 -13.57 -33.08
N SER A 189 -60.10 -13.55 -32.32
CA SER A 189 -60.94 -12.37 -32.10
C SER A 189 -60.10 -11.21 -31.55
N GLU A 190 -59.53 -11.37 -30.36
CA GLU A 190 -58.83 -10.29 -29.68
C GLU A 190 -57.67 -9.78 -30.51
N LEU A 191 -57.03 -10.67 -31.29
CA LEU A 191 -55.91 -10.24 -32.13
C LEU A 191 -56.40 -9.31 -33.23
N LYS A 192 -57.38 -9.76 -34.01
CA LYS A 192 -57.94 -8.92 -35.06
C LYS A 192 -58.46 -7.59 -34.50
N ALA A 193 -58.94 -7.59 -33.26
CA ALA A 193 -59.32 -6.34 -32.62
C ALA A 193 -58.12 -5.45 -32.38
N VAL A 194 -57.13 -5.97 -31.65
CA VAL A 194 -55.94 -5.19 -31.33
C VAL A 194 -55.29 -4.67 -32.60
N HIS A 195 -55.18 -5.51 -33.63
CA HIS A 195 -54.59 -5.06 -34.89
C HIS A 195 -55.22 -3.75 -35.35
N ALA A 196 -56.55 -3.73 -35.48
CA ALA A 196 -57.25 -2.53 -35.93
C ALA A 196 -57.20 -1.44 -34.88
N ILE A 197 -57.07 -1.80 -33.59
CA ILE A 197 -56.90 -0.81 -32.54
C ILE A 197 -55.63 0.01 -32.82
N PHE A 198 -54.52 -0.68 -33.13
CA PHE A 198 -53.29 0.01 -33.48
C PHE A 198 -53.37 0.71 -34.84
N GLU A 199 -54.10 0.14 -35.81
CA GLU A 199 -54.35 0.85 -37.06
C GLU A 199 -55.15 2.12 -36.80
N ALA A 200 -56.24 2.01 -36.05
CA ALA A 200 -57.00 3.19 -35.66
C ALA A 200 -56.11 4.20 -34.96
N LEU A 201 -55.20 3.73 -34.10
CA LEU A 201 -54.31 4.65 -33.40
C LEU A 201 -53.37 5.35 -34.38
N ASP A 202 -52.74 4.57 -35.28
CA ASP A 202 -51.85 5.15 -36.27
C ASP A 202 -50.84 6.04 -35.53
N GLY A 203 -49.79 5.43 -35.01
CA GLY A 203 -48.85 6.10 -34.13
C GLY A 203 -49.00 5.66 -32.69
N GLU A 204 -48.13 6.22 -31.85
CA GLU A 204 -48.05 5.81 -30.46
C GLU A 204 -49.15 6.36 -29.57
N GLU A 205 -49.85 7.41 -29.98
CA GLU A 205 -50.99 7.90 -29.21
C GLU A 205 -52.12 8.36 -30.11
N GLY A 206 -53.35 8.28 -29.60
CA GLY A 206 -54.48 8.80 -30.32
C GLY A 206 -55.79 8.41 -29.67
N ARG A 207 -56.87 9.00 -30.20
CA ARG A 207 -58.22 8.72 -29.72
C ARG A 207 -58.91 7.71 -30.62
N LEU A 208 -59.75 6.86 -30.02
CA LEU A 208 -60.56 5.89 -30.74
C LEU A 208 -61.83 5.61 -29.94
N THR A 209 -62.86 5.14 -30.65
CA THR A 209 -64.16 4.88 -30.05
C THR A 209 -64.49 3.39 -30.09
N ALA A 210 -64.62 2.78 -28.91
CA ALA A 210 -64.83 1.33 -28.83
C ALA A 210 -66.00 0.87 -29.71
N SER A 211 -67.12 1.59 -29.67
CA SER A 211 -68.28 1.21 -30.47
C SER A 211 -67.92 1.16 -31.95
N SER A 212 -67.29 2.23 -32.44
CA SER A 212 -66.93 2.30 -33.85
C SER A 212 -66.06 1.11 -34.26
N ILE A 213 -65.10 0.74 -33.41
CA ILE A 213 -64.21 -0.36 -33.78
C ILE A 213 -65.02 -1.61 -34.08
N ALA A 214 -65.99 -1.92 -33.22
CA ALA A 214 -66.90 -3.04 -33.48
C ALA A 214 -67.56 -2.92 -34.84
N ASP A 215 -68.13 -1.74 -35.12
CA ASP A 215 -68.80 -1.53 -36.39
C ASP A 215 -67.82 -1.67 -37.55
N GLU A 216 -66.62 -1.12 -37.41
CA GLU A 216 -65.68 -1.08 -38.53
C GLU A 216 -65.13 -2.46 -38.88
N ILE A 217 -64.98 -3.34 -37.89
CA ILE A 217 -64.32 -4.62 -38.12
C ILE A 217 -65.28 -5.79 -38.02
N GLY A 218 -66.47 -5.59 -37.47
CA GLY A 218 -67.41 -6.68 -37.31
C GLY A 218 -67.09 -7.67 -36.20
N ILE A 219 -66.69 -7.17 -35.03
CA ILE A 219 -66.46 -8.00 -33.85
C ILE A 219 -67.23 -7.35 -32.70
N THR A 220 -67.97 -8.16 -31.95
CA THR A 220 -68.75 -7.60 -30.84
C THR A 220 -67.84 -6.79 -29.92
N ARG A 221 -68.41 -5.73 -29.36
CA ARG A 221 -67.63 -4.86 -28.48
C ARG A 221 -66.95 -5.63 -27.35
N SER A 222 -67.65 -6.59 -26.74
CA SER A 222 -67.05 -7.31 -25.61
C SER A 222 -65.65 -7.80 -25.96
N VAL A 223 -65.47 -8.33 -27.16
CA VAL A 223 -64.13 -8.74 -27.58
C VAL A 223 -63.19 -7.55 -27.64
N ILE A 224 -63.65 -6.42 -28.21
CA ILE A 224 -62.81 -5.24 -28.31
C ILE A 224 -62.32 -4.81 -26.93
N VAL A 225 -63.24 -4.73 -25.96
CA VAL A 225 -62.87 -4.25 -24.63
C VAL A 225 -62.08 -5.30 -23.87
N ASN A 226 -62.40 -6.58 -24.08
CA ASN A 226 -61.64 -7.63 -23.43
C ASN A 226 -60.15 -7.52 -23.77
N ALA A 227 -59.83 -7.20 -25.03
CA ALA A 227 -58.45 -6.97 -25.44
C ALA A 227 -57.87 -5.71 -24.81
N LEU A 228 -58.68 -4.64 -24.70
CA LEU A 228 -58.17 -3.40 -24.13
C LEU A 228 -57.77 -3.61 -22.67
N ARG A 229 -58.71 -4.02 -21.83
CA ARG A 229 -58.38 -4.26 -20.43
C ARG A 229 -57.28 -5.31 -20.32
N LYS A 230 -57.17 -6.22 -21.29
CA LYS A 230 -56.04 -7.14 -21.34
C LYS A 230 -54.73 -6.39 -21.57
N LEU A 231 -54.67 -5.54 -22.60
CA LEU A 231 -53.42 -4.85 -22.88
C LEU A 231 -53.05 -3.90 -21.73
N GLU A 232 -54.04 -3.21 -21.17
CA GLU A 232 -53.75 -2.27 -20.09
C GLU A 232 -53.32 -2.99 -18.82
N SER A 233 -53.95 -4.13 -18.50
CA SER A 233 -53.50 -4.90 -17.35
C SER A 233 -52.13 -5.53 -17.60
N ALA A 234 -51.82 -5.88 -18.84
CA ALA A 234 -50.47 -6.34 -19.14
C ALA A 234 -49.46 -5.20 -19.07
N GLY A 235 -49.89 -3.96 -19.19
CA GLY A 235 -48.99 -2.83 -19.08
C GLY A 235 -48.34 -2.53 -20.42
N ILE A 236 -49.16 -2.39 -21.45
CA ILE A 236 -48.67 -2.07 -22.78
C ILE A 236 -49.31 -0.81 -23.32
N ILE A 237 -50.40 -0.34 -22.70
CA ILE A 237 -51.04 0.91 -23.06
C ILE A 237 -51.66 1.51 -21.81
N GLU A 238 -51.83 2.83 -21.84
CA GLU A 238 -52.42 3.63 -20.78
C GLU A 238 -53.69 4.24 -21.33
N SER A 239 -54.73 4.33 -20.51
CA SER A 239 -56.01 4.78 -21.03
C SER A 239 -56.79 5.61 -20.01
N ARG A 240 -57.52 6.58 -20.56
CA ARG A 240 -58.50 7.39 -19.86
C ARG A 240 -59.73 7.51 -20.73
N SER A 241 -60.90 7.28 -20.12
CA SER A 241 -62.16 7.24 -20.85
C SER A 241 -62.75 8.64 -20.93
N LEU A 242 -63.12 9.06 -22.13
CA LEU A 242 -63.86 10.30 -22.34
C LEU A 242 -65.36 10.08 -22.47
N GLY A 243 -65.83 8.84 -22.26
CA GLY A 243 -67.26 8.57 -22.34
C GLY A 243 -67.74 8.55 -23.77
N MET A 244 -68.86 9.23 -24.02
CA MET A 244 -69.46 9.24 -25.34
C MET A 244 -68.45 9.69 -26.41
N LYS A 245 -67.55 10.60 -26.05
CA LYS A 245 -66.57 11.09 -27.02
C LYS A 245 -65.66 9.96 -27.47
N GLY A 246 -65.34 9.03 -26.58
CA GLY A 246 -64.52 7.88 -26.93
C GLY A 246 -63.55 7.47 -25.84
N THR A 247 -62.35 7.05 -26.21
CA THR A 247 -61.33 6.65 -25.25
C THR A 247 -59.96 7.03 -25.77
N TYR A 248 -59.11 7.55 -24.89
CA TYR A 248 -57.77 7.98 -25.25
C TYR A 248 -56.76 6.94 -24.79
N LEU A 249 -55.89 6.50 -25.70
CA LEU A 249 -54.90 5.48 -25.39
C LEU A 249 -53.48 5.99 -25.65
N LYS A 250 -52.53 5.26 -25.07
CA LYS A 250 -51.10 5.56 -25.22
C LYS A 250 -50.30 4.28 -25.35
N VAL A 251 -49.49 4.19 -26.42
CA VAL A 251 -48.61 3.03 -26.61
C VAL A 251 -47.41 3.19 -25.69
N LEU A 252 -47.18 2.20 -24.84
CA LEU A 252 -46.07 2.20 -23.90
C LEU A 252 -44.94 1.25 -24.27
N ASN A 253 -45.23 0.23 -25.07
CA ASN A 253 -44.20 -0.66 -25.61
C ASN A 253 -44.25 -0.57 -27.12
N GLN A 254 -43.23 0.06 -27.72
CA GLN A 254 -43.26 0.30 -29.17
C GLN A 254 -42.78 -0.89 -29.98
N GLN A 255 -42.08 -1.83 -29.37
CA GLN A 255 -41.70 -3.04 -30.09
C GLN A 255 -42.86 -4.02 -30.26
N PHE A 256 -44.00 -3.76 -29.61
CA PHE A 256 -45.18 -4.61 -29.76
C PHE A 256 -45.65 -4.66 -31.22
N ILE A 257 -45.80 -3.50 -31.84
CA ILE A 257 -46.36 -3.46 -33.19
C ILE A 257 -45.47 -4.24 -34.16
N LYS A 258 -44.16 -4.14 -34.00
CA LYS A 258 -43.26 -4.91 -34.86
C LYS A 258 -43.57 -6.39 -34.79
N GLU A 259 -43.83 -6.90 -33.59
CA GLU A 259 -44.05 -8.32 -33.41
C GLU A 259 -45.43 -8.73 -33.92
N LEU A 260 -46.40 -7.83 -33.86
CA LEU A 260 -47.74 -8.16 -34.33
C LEU A 260 -47.82 -8.11 -35.85
N GLU A 261 -47.11 -7.19 -36.48
CA GLU A 261 -47.07 -7.12 -37.92
C GLU A 261 -46.18 -8.24 -38.47
N GLY B 1 11.12 1.82 -7.72
CA GLY B 1 10.49 3.04 -7.10
C GLY B 1 9.11 2.74 -6.55
N ALA B 2 8.69 3.49 -5.52
CA ALA B 2 7.40 3.22 -4.93
C ALA B 2 6.31 3.25 -5.98
N MET B 3 6.33 4.26 -6.85
CA MET B 3 5.28 4.38 -7.87
C MET B 3 5.43 3.33 -8.94
N ALA B 4 6.67 2.99 -9.30
CA ALA B 4 6.85 1.93 -10.29
C ALA B 4 6.43 0.59 -9.71
N THR B 5 6.69 0.38 -8.43
CA THR B 5 6.28 -0.85 -7.76
C THR B 5 4.76 -0.93 -7.74
N LEU B 6 4.11 0.15 -7.34
CA LEU B 6 2.67 0.14 -7.31
C LEU B 6 2.12 -0.12 -8.69
N LEU B 7 2.68 0.58 -9.68
CA LEU B 7 2.17 0.43 -11.03
C LEU B 7 2.26 -1.01 -11.47
N GLU B 8 3.41 -1.65 -11.22
CA GLU B 8 3.60 -3.03 -11.67
C GLU B 8 2.61 -3.96 -10.99
N LYS B 9 2.28 -3.67 -9.73
CA LYS B 9 1.31 -4.49 -9.05
C LYS B 9 -0.07 -4.31 -9.69
N THR B 10 -0.45 -3.06 -10.02
CA THR B 10 -1.73 -2.84 -10.68
C THR B 10 -1.76 -3.56 -11.99
N ARG B 11 -0.60 -3.69 -12.64
CA ARG B 11 -0.51 -4.40 -13.92
C ARG B 11 -0.67 -5.89 -13.63
N GLN B 12 -0.08 -6.39 -12.58
CA GLN B 12 -0.27 -7.80 -12.24
C GLN B 12 -1.74 -8.09 -11.99
N VAL B 13 -2.42 -7.20 -11.25
CA VAL B 13 -3.85 -7.34 -10.99
C VAL B 13 -4.61 -7.36 -12.30
N ASN B 14 -4.26 -6.47 -13.21
CA ASN B 14 -4.91 -6.42 -14.51
C ASN B 14 -4.73 -7.74 -15.23
N GLU B 15 -3.48 -8.19 -15.38
CA GLU B 15 -3.25 -9.41 -16.15
C GLU B 15 -4.00 -10.59 -15.56
N LEU B 16 -4.06 -10.67 -14.21
CA LEU B 16 -4.59 -11.88 -13.58
C LEU B 16 -6.08 -11.83 -13.41
N LEU B 17 -6.63 -10.65 -13.19
CA LEU B 17 -8.04 -10.51 -12.85
C LEU B 17 -8.86 -9.71 -13.84
N GLN B 18 -8.25 -8.75 -14.56
CA GLN B 18 -9.02 -8.01 -15.56
C GLN B 18 -9.11 -8.76 -16.87
N LYS B 19 -8.04 -9.50 -17.22
CA LYS B 19 -8.00 -10.17 -18.50
C LYS B 19 -8.39 -11.63 -18.39
N ASN B 20 -9.01 -12.04 -17.31
CA ASN B 20 -9.50 -13.40 -17.20
C ASN B 20 -10.85 -13.36 -16.52
N ASN B 21 -11.72 -14.32 -16.84
CA ASN B 21 -12.97 -14.51 -16.10
C ASN B 21 -12.70 -15.45 -14.92
N LEU B 22 -12.98 -14.98 -13.70
CA LEU B 22 -12.54 -15.66 -12.48
C LEU B 22 -13.71 -16.15 -11.64
N PHE B 23 -14.87 -16.37 -12.24
CA PHE B 23 -15.97 -16.94 -11.51
C PHE B 23 -15.83 -18.46 -11.58
N ASP B 24 -15.46 -19.07 -10.45
CA ASP B 24 -15.28 -20.51 -10.39
C ASP B 24 -16.63 -21.16 -10.16
N VAL B 25 -17.28 -21.62 -11.23
CA VAL B 25 -18.41 -22.50 -11.02
C VAL B 25 -17.88 -23.77 -10.35
N GLN B 26 -18.68 -24.39 -9.48
CA GLN B 26 -18.26 -25.64 -8.87
C GLN B 26 -17.02 -25.49 -7.99
N ALA B 27 -16.74 -24.30 -7.48
CA ALA B 27 -15.68 -24.19 -6.49
C ALA B 27 -16.39 -24.26 -5.14
N GLU B 28 -15.63 -24.51 -4.07
CA GLU B 28 -16.21 -24.34 -2.75
C GLU B 28 -16.81 -22.94 -2.64
N LEU B 29 -15.98 -21.91 -2.84
CA LEU B 29 -16.43 -20.53 -2.99
C LEU B 29 -16.04 -20.03 -4.39
N PRO B 30 -16.95 -19.36 -5.08
CA PRO B 30 -16.67 -19.00 -6.50
C PRO B 30 -15.44 -18.11 -6.69
N TYR B 31 -15.11 -17.31 -5.71
CA TYR B 31 -14.06 -16.33 -5.85
C TYR B 31 -12.88 -16.65 -4.94
N ASN B 32 -12.66 -17.92 -4.61
CA ASN B 32 -11.49 -18.27 -3.81
C ASN B 32 -10.21 -17.96 -4.58
N LYS B 33 -10.18 -18.28 -5.87
CA LYS B 33 -8.99 -17.98 -6.65
C LYS B 33 -8.71 -16.48 -6.72
N MET B 34 -9.78 -15.68 -6.92
CA MET B 34 -9.64 -14.23 -6.91
C MET B 34 -9.13 -13.74 -5.57
N ALA B 35 -9.66 -14.28 -4.48
CA ALA B 35 -9.17 -13.88 -3.17
C ALA B 35 -7.71 -14.22 -3.01
N MET B 36 -7.31 -15.42 -3.47
CA MET B 36 -5.92 -15.83 -3.37
C MET B 36 -5.01 -14.87 -4.13
N ILE B 37 -5.37 -14.54 -5.36
CA ILE B 37 -4.56 -13.59 -6.11
C ILE B 37 -4.45 -12.27 -5.34
N LEU B 38 -5.57 -11.79 -4.81
CA LEU B 38 -5.53 -10.50 -4.11
C LEU B 38 -4.63 -10.60 -2.89
N GLY B 39 -4.83 -11.65 -2.10
CA GLY B 39 -3.99 -11.82 -0.92
C GLY B 39 -2.52 -11.90 -1.26
N ASP B 40 -2.19 -12.59 -2.34
CA ASP B 40 -0.80 -12.58 -2.80
C ASP B 40 -0.34 -11.17 -3.15
N ILE B 41 -1.06 -10.48 -4.05
CA ILE B 41 -0.52 -9.20 -4.52
C ILE B 41 -0.49 -8.18 -3.40
N LEU B 42 -1.49 -8.23 -2.54
CA LEU B 42 -1.60 -7.30 -1.45
C LEU B 42 -0.94 -7.80 -0.17
N GLU B 43 -0.31 -8.97 -0.21
CA GLU B 43 0.39 -9.46 0.95
C GLU B 43 -0.53 -9.44 2.18
N SER B 44 -1.71 -10.03 2.04
CA SER B 44 -2.68 -10.02 3.13
C SER B 44 -3.48 -11.31 3.04
N ASN B 45 -4.10 -11.63 4.15
CA ASN B 45 -5.30 -12.42 4.06
C ASN B 45 -6.42 -11.55 3.48
N ALA B 46 -7.34 -12.20 2.75
CA ALA B 46 -8.34 -11.48 1.98
C ALA B 46 -9.66 -12.23 1.97
N TYR B 47 -10.76 -11.49 2.12
CA TYR B 47 -12.10 -12.04 2.10
C TYR B 47 -12.94 -11.19 1.14
N ILE B 48 -13.73 -11.87 0.33
CA ILE B 48 -14.66 -11.21 -0.57
C ILE B 48 -16.07 -11.57 -0.12
N ILE B 49 -16.84 -10.55 0.25
CA ILE B 49 -18.22 -10.65 0.76
C ILE B 49 -19.19 -10.04 -0.24
N SER B 50 -20.25 -10.76 -0.58
CA SER B 50 -21.26 -10.28 -1.50
C SER B 50 -22.04 -9.08 -0.92
N SER B 51 -22.82 -8.42 -1.79
CA SER B 51 -23.66 -7.32 -1.31
C SER B 51 -24.69 -7.75 -0.27
N SER B 52 -25.02 -9.03 -0.21
CA SER B 52 -25.96 -9.58 0.75
C SER B 52 -25.29 -10.19 1.98
N GLY B 53 -23.99 -9.99 2.16
CA GLY B 53 -23.34 -10.52 3.35
C GLY B 53 -22.89 -11.96 3.24
N ASP B 54 -22.87 -12.53 2.05
CA ASP B 54 -22.37 -13.89 1.90
C ASP B 54 -20.89 -13.87 1.61
N LEU B 55 -20.16 -14.74 2.28
CA LEU B 55 -18.75 -14.94 1.97
C LEU B 55 -18.62 -15.62 0.60
N LEU B 56 -18.06 -14.92 -0.38
CA LEU B 56 -17.91 -15.46 -1.72
C LEU B 56 -16.55 -16.13 -1.95
N GLY B 57 -15.54 -15.80 -1.16
CA GLY B 57 -14.23 -16.41 -1.38
C GLY B 57 -13.26 -15.76 -0.42
N TYR B 58 -12.23 -16.49 -0.03
CA TYR B 58 -11.24 -15.89 0.86
C TYR B 58 -9.94 -16.66 0.78
N THR B 59 -8.86 -16.06 1.30
CA THR B 59 -7.58 -16.75 1.46
C THR B 59 -6.98 -16.36 2.79
N GLU B 60 -6.52 -17.37 3.50
CA GLU B 60 -5.84 -17.24 4.77
C GLU B 60 -4.55 -18.01 4.60
N LYS B 61 -3.44 -17.36 4.94
CA LYS B 61 -2.15 -18.00 4.80
C LYS B 61 -2.08 -19.15 5.82
N LEU B 62 -1.84 -20.37 5.32
CA LEU B 62 -1.65 -21.53 6.15
C LEU B 62 -0.24 -21.52 6.72
N ASP B 63 -0.11 -21.81 8.01
CA ASP B 63 1.19 -22.09 8.63
C ASP B 63 1.58 -23.54 8.28
N VAL B 64 2.39 -23.67 7.22
CA VAL B 64 2.71 -24.97 6.63
C VAL B 64 3.48 -25.83 7.62
N ASN B 65 4.48 -25.24 8.27
CA ASN B 65 5.34 -26.02 9.15
C ASN B 65 4.55 -26.63 10.30
N ASN B 66 3.47 -26.00 10.75
CA ASN B 66 2.71 -26.52 11.89
C ASN B 66 1.34 -27.06 11.50
N ALA B 67 1.18 -27.42 10.23
CA ALA B 67 -0.11 -27.83 9.72
C ALA B 67 -0.58 -29.13 10.36
N ARG B 68 -1.89 -29.22 10.62
CA ARG B 68 -2.54 -30.40 11.16
C ARG B 68 -3.77 -30.72 10.32
N ILE B 69 -3.85 -31.96 9.85
CA ILE B 69 -4.91 -32.33 8.91
C ILE B 69 -6.27 -32.05 9.50
N LYS B 70 -6.41 -32.23 10.80
CA LYS B 70 -7.72 -32.07 11.41
C LYS B 70 -8.20 -30.64 11.27
N ASN B 71 -7.31 -29.66 11.37
CA ASN B 71 -7.67 -28.24 11.38
C ASN B 71 -7.80 -27.63 10.01
N MET B 72 -7.38 -28.36 8.98
CA MET B 72 -7.25 -27.80 7.65
C MET B 72 -8.57 -27.73 6.91
N PHE B 73 -9.57 -28.48 7.34
CA PHE B 73 -10.83 -28.53 6.63
C PHE B 73 -11.87 -27.59 7.23
N LYS B 74 -11.48 -26.76 8.21
CA LYS B 74 -12.45 -25.88 8.87
C LYS B 74 -12.90 -24.73 7.97
N GLU B 75 -14.21 -24.56 7.83
CA GLU B 75 -14.74 -23.45 7.05
C GLU B 75 -14.64 -22.14 7.81
N LYS B 76 -14.07 -21.07 7.23
CA LYS B 76 -14.04 -19.73 7.86
C LYS B 76 -15.49 -19.26 8.02
N LYS B 77 -15.89 -18.81 9.20
CA LYS B 77 -17.25 -18.31 9.42
C LYS B 77 -17.04 -16.99 10.16
N PHE B 78 -17.80 -15.95 9.80
CA PHE B 78 -17.70 -14.60 10.43
C PHE B 78 -18.72 -14.55 11.56
N PRO B 79 -18.46 -13.85 12.69
CA PRO B 79 -19.41 -13.83 13.81
C PRO B 79 -20.75 -13.18 13.46
N GLN B 80 -21.84 -13.63 14.09
CA GLN B 80 -23.23 -13.13 13.89
C GLN B 80 -23.24 -11.59 13.82
N GLY B 81 -23.60 -10.98 12.69
CA GLY B 81 -23.69 -9.55 12.56
C GLY B 81 -22.49 -8.88 11.92
N TYR B 82 -21.39 -9.61 11.75
CA TYR B 82 -20.20 -9.01 11.16
C TYR B 82 -20.47 -8.58 9.71
N THR B 83 -21.09 -9.44 8.92
CA THR B 83 -21.31 -9.07 7.52
C THR B 83 -22.29 -7.91 7.41
N GLU B 84 -23.29 -7.86 8.30
CA GLU B 84 -24.18 -6.71 8.29
C GLU B 84 -23.44 -5.46 8.74
N ALA B 85 -22.56 -5.58 9.72
CA ALA B 85 -21.86 -4.39 10.15
C ALA B 85 -20.98 -3.81 9.03
N VAL B 86 -20.25 -4.66 8.28
CA VAL B 86 -19.35 -4.11 7.26
C VAL B 86 -20.15 -3.42 6.20
N ASP B 87 -21.38 -3.90 5.98
CA ASP B 87 -22.21 -3.25 5.00
C ASP B 87 -22.53 -1.81 5.38
N MET B 88 -22.48 -1.50 6.68
CA MET B 88 -22.73 -0.13 7.13
C MET B 88 -21.53 0.74 6.82
N LEU B 89 -20.34 0.17 6.58
CA LEU B 89 -19.22 1.04 6.22
C LEU B 89 -19.40 1.48 4.77
N LYS B 90 -19.41 2.80 4.49
CA LYS B 90 -19.62 3.33 3.13
C LYS B 90 -18.32 3.82 2.51
N VAL B 91 -17.28 4.00 3.29
CA VAL B 91 -15.99 4.30 2.71
C VAL B 91 -14.95 3.39 3.31
N THR B 92 -13.82 3.33 2.66
CA THR B 92 -12.76 2.47 3.17
C THR B 92 -12.35 2.85 4.58
N GLU B 93 -12.16 1.81 5.41
CA GLU B 93 -11.57 1.93 6.76
C GLU B 93 -10.30 1.09 6.83
N ALA B 94 -9.18 1.74 7.11
CA ALA B 94 -7.87 1.11 7.03
C ALA B 94 -7.30 0.98 8.43
N ASN B 95 -6.49 -0.07 8.67
CA ASN B 95 -5.76 -0.21 9.92
C ASN B 95 -6.69 -0.29 11.12
N ILE B 96 -7.70 -1.12 11.01
CA ILE B 96 -8.63 -1.30 12.12
C ILE B 96 -7.95 -2.21 13.13
N PRO B 97 -7.77 -1.78 14.39
CA PRO B 97 -7.05 -2.63 15.37
C PRO B 97 -7.86 -3.84 15.75
N ILE B 98 -7.21 -4.80 16.41
CA ILE B 98 -7.86 -6.10 16.67
C ILE B 98 -8.93 -6.01 17.76
N ASP B 99 -8.89 -4.99 18.62
CA ASP B 99 -9.91 -4.81 19.65
C ASP B 99 -11.25 -4.28 19.12
N SER B 100 -11.34 -3.91 17.86
CA SER B 100 -12.60 -3.55 17.28
C SER B 100 -13.38 -4.79 16.81
N ASP B 101 -14.70 -4.72 16.96
CA ASP B 101 -15.54 -5.77 16.42
C ASP B 101 -15.48 -5.79 14.90
N LEU B 102 -14.94 -4.76 14.25
CA LEU B 102 -14.77 -4.84 12.81
C LEU B 102 -13.49 -5.58 12.40
N THR B 103 -12.69 -6.07 13.35
CA THR B 103 -11.49 -6.80 12.98
C THR B 103 -11.87 -8.05 12.20
N ALA B 104 -11.02 -8.42 11.25
CA ALA B 104 -11.25 -9.66 10.54
C ALA B 104 -10.72 -10.88 11.28
N PHE B 105 -9.90 -10.69 12.30
CA PHE B 105 -9.29 -11.76 13.09
C PHE B 105 -10.33 -12.36 14.04
N PRO B 106 -10.34 -13.68 14.20
CA PRO B 106 -11.27 -14.22 15.21
C PRO B 106 -10.99 -13.56 16.56
N PHE B 107 -12.06 -13.37 17.33
CA PHE B 107 -11.95 -12.64 18.58
C PHE B 107 -11.11 -13.38 19.60
N GLU B 108 -11.04 -14.72 19.49
CA GLU B 108 -10.15 -15.50 20.36
C GLU B 108 -8.69 -15.09 20.15
N SER B 109 -8.31 -14.77 18.92
CA SER B 109 -6.95 -14.39 18.53
C SER B 109 -6.56 -12.98 18.97
N ARG B 110 -7.48 -12.16 19.44
CA ARG B 110 -7.09 -10.82 19.89
C ARG B 110 -5.87 -10.84 20.82
N GLU B 111 -5.72 -11.90 21.62
CA GLU B 111 -4.54 -11.98 22.48
C GLU B 111 -3.31 -12.39 21.70
N LEU B 112 -3.48 -13.20 20.67
CA LEU B 112 -2.31 -13.75 19.99
C LEU B 112 -1.70 -12.75 19.01
N TYR B 113 -2.51 -11.86 18.45
CA TYR B 113 -2.04 -10.93 17.43
C TYR B 113 -2.46 -9.52 17.82
N PRO B 114 -1.89 -9.00 18.89
CA PRO B 114 -2.32 -7.67 19.37
C PRO B 114 -2.19 -6.55 18.37
N PHE B 115 -1.25 -6.67 17.45
CA PHE B 115 -1.01 -5.67 16.42
C PHE B 115 -1.64 -6.03 15.08
N GLY B 116 -2.46 -7.09 15.02
CA GLY B 116 -3.12 -7.41 13.77
C GLY B 116 -3.99 -6.27 13.28
N LEU B 117 -3.96 -5.99 11.97
CA LEU B 117 -4.68 -4.87 11.37
C LEU B 117 -5.61 -5.38 10.28
N THR B 118 -6.80 -4.80 10.25
CA THR B 118 -7.81 -5.08 9.25
C THR B 118 -8.18 -3.83 8.42
N THR B 119 -8.28 -4.00 7.11
CA THR B 119 -8.74 -2.93 6.25
C THR B 119 -9.97 -3.43 5.49
N ILE B 120 -11.05 -2.65 5.56
CA ILE B 120 -12.33 -2.97 4.92
C ILE B 120 -12.57 -2.00 3.78
N VAL B 121 -12.81 -2.57 2.60
CA VAL B 121 -12.96 -1.81 1.35
C VAL B 121 -14.31 -2.12 0.71
N PRO B 122 -15.28 -1.19 0.83
CA PRO B 122 -16.59 -1.37 0.16
C PRO B 122 -16.37 -1.39 -1.32
N LEU B 123 -17.09 -2.26 -1.99
CA LEU B 123 -17.05 -2.36 -3.43
C LEU B 123 -18.23 -1.59 -3.99
N TYR B 124 -17.91 -0.50 -4.67
CA TYR B 124 -18.87 0.30 -5.40
C TYR B 124 -18.50 0.34 -6.87
N GLY B 125 -19.50 0.11 -7.70
CA GLY B 125 -19.37 0.28 -9.12
C GLY B 125 -20.67 0.69 -9.78
N ALA B 126 -20.61 1.71 -10.62
CA ALA B 126 -21.77 2.21 -11.35
C ALA B 126 -22.89 2.64 -10.40
N GLY B 127 -22.53 3.15 -9.23
CA GLY B 127 -23.47 3.62 -8.23
C GLY B 127 -23.99 2.56 -7.29
N LYS B 128 -23.61 1.28 -7.47
CA LYS B 128 -24.13 0.21 -6.64
C LYS B 128 -23.07 -0.32 -5.68
N ARG B 129 -23.54 -0.66 -4.49
CA ARG B 129 -22.75 -1.45 -3.55
C ARG B 129 -22.72 -2.89 -4.06
N LEU B 130 -21.53 -3.38 -4.42
CA LEU B 130 -21.39 -4.72 -4.99
C LEU B 130 -20.91 -5.77 -3.98
N GLY B 131 -20.53 -5.36 -2.78
CA GLY B 131 -20.01 -6.26 -1.78
C GLY B 131 -18.93 -5.53 -1.04
N THR B 132 -18.01 -6.28 -0.43
CA THR B 132 -16.95 -5.71 0.39
C THR B 132 -15.71 -6.59 0.31
N ILE B 133 -14.55 -5.98 0.30
CA ILE B 133 -13.30 -6.69 0.40
C ILE B 133 -12.69 -6.38 1.75
N ILE B 134 -12.21 -7.42 2.44
CA ILE B 134 -11.61 -7.32 3.76
C ILE B 134 -10.18 -7.86 3.67
N LEU B 135 -9.24 -7.09 4.18
CA LEU B 135 -7.82 -7.43 4.15
C LEU B 135 -7.32 -7.42 5.58
N ALA B 136 -6.45 -8.37 5.92
CA ALA B 136 -5.91 -8.52 7.28
C ALA B 136 -4.43 -8.92 7.20
N ARG B 137 -3.60 -8.26 8.00
CA ARG B 137 -2.14 -8.43 8.06
C ARG B 137 -1.79 -8.57 9.53
N VAL B 138 -1.01 -9.59 9.84
N VAL B 138 -1.03 -9.59 9.84
CA VAL B 138 -0.69 -9.85 11.22
CA VAL B 138 -0.67 -9.87 11.21
C VAL B 138 0.37 -8.88 11.70
C VAL B 138 0.37 -8.88 11.70
N GLU B 139 1.24 -8.41 10.80
CA GLU B 139 2.42 -7.65 11.17
C GLU B 139 2.51 -6.26 10.54
N LYS B 140 2.34 -6.12 9.25
CA LYS B 140 2.52 -4.83 8.60
C LYS B 140 1.24 -3.98 8.62
N SER B 141 1.44 -2.69 8.73
CA SER B 141 0.33 -1.77 8.57
C SER B 141 0.03 -1.61 7.09
N PHE B 142 -1.16 -1.10 6.83
CA PHE B 142 -1.54 -0.68 5.48
C PHE B 142 -1.15 0.78 5.24
N ASN B 143 -0.17 0.97 4.38
CA ASN B 143 0.23 2.34 4.04
C ASN B 143 -0.59 2.87 2.85
N GLU B 144 -0.28 4.09 2.44
CA GLU B 144 -1.01 4.71 1.33
C GLU B 144 -0.82 3.96 0.02
N ASP B 145 0.37 3.42 -0.22
CA ASP B 145 0.57 2.54 -1.37
C ASP B 145 -0.41 1.37 -1.34
N ASP B 146 -0.58 0.78 -0.16
CA ASP B 146 -1.45 -0.39 -0.06
C ASP B 146 -2.88 0.01 -0.32
N LEU B 147 -3.28 1.20 0.14
CA LEU B 147 -4.67 1.60 -0.05
C LEU B 147 -4.98 1.86 -1.50
N VAL B 148 -4.08 2.50 -2.22
CA VAL B 148 -4.34 2.64 -3.64
C VAL B 148 -4.54 1.28 -4.29
N LEU B 149 -3.60 0.36 -4.04
CA LEU B 149 -3.71 -0.95 -4.68
C LEU B 149 -4.99 -1.66 -4.25
N ALA B 150 -5.33 -1.53 -2.99
CA ALA B 150 -6.57 -2.10 -2.50
C ALA B 150 -7.77 -1.49 -3.21
N GLU B 151 -7.85 -0.16 -3.29
CA GLU B 151 -8.95 0.44 -4.02
C GLU B 151 -8.94 0.00 -5.48
N TYR B 152 -7.76 -0.01 -6.12
CA TYR B 152 -7.67 -0.54 -7.48
C TYR B 152 -8.23 -1.98 -7.54
N SER B 153 -7.82 -2.84 -6.61
CA SER B 153 -8.28 -4.23 -6.61
C SER B 153 -9.81 -4.35 -6.45
N ALA B 154 -10.39 -3.51 -5.58
CA ALA B 154 -11.85 -3.52 -5.36
C ALA B 154 -12.61 -3.27 -6.66
N THR B 155 -12.12 -2.33 -7.48
CA THR B 155 -12.80 -2.06 -8.76
C THR B 155 -12.70 -3.28 -9.68
N VAL B 156 -11.54 -3.91 -9.73
CA VAL B 156 -11.40 -5.10 -10.56
C VAL B 156 -12.34 -6.20 -10.07
N VAL B 157 -12.45 -6.36 -8.75
CA VAL B 157 -13.36 -7.38 -8.21
C VAL B 157 -14.80 -6.99 -8.51
N GLY B 158 -15.08 -5.69 -8.42
CA GLY B 158 -16.38 -5.17 -8.75
C GLY B 158 -16.79 -5.55 -10.16
N MET B 159 -15.86 -5.36 -11.12
CA MET B 159 -16.14 -5.76 -12.49
C MET B 159 -16.44 -7.24 -12.60
N GLN B 160 -15.66 -8.09 -11.92
CA GLN B 160 -15.97 -9.51 -11.98
C GLN B 160 -17.40 -9.76 -11.51
N ILE B 161 -17.79 -9.08 -10.43
CA ILE B 161 -19.10 -9.31 -9.83
C ILE B 161 -20.18 -8.79 -10.76
N LEU B 162 -19.98 -7.59 -11.27
CA LEU B 162 -20.91 -7.06 -12.26
C LEU B 162 -21.02 -7.99 -13.46
N TYR B 163 -19.90 -8.52 -13.96
CA TYR B 163 -19.98 -9.44 -15.09
C TYR B 163 -20.76 -10.71 -14.76
N HIS B 164 -20.50 -11.31 -13.60
CA HIS B 164 -21.25 -12.50 -13.22
C HIS B 164 -22.73 -12.21 -13.11
N GLN B 165 -23.08 -11.06 -12.54
CA GLN B 165 -24.48 -10.68 -12.44
C GLN B 165 -25.11 -10.60 -13.82
N SER B 166 -24.35 -10.12 -14.81
CA SER B 166 -24.92 -9.90 -16.14
C SER B 166 -25.31 -11.21 -16.80
N ARG B 167 -24.57 -12.27 -16.55
CA ARG B 167 -24.89 -13.55 -17.16
C ARG B 167 -26.20 -14.13 -16.62
N THR B 168 -26.57 -13.74 -15.43
CA THR B 168 -27.82 -14.18 -14.81
C THR B 168 -29.02 -13.32 -15.19
N ILE B 169 -28.81 -12.04 -15.47
CA ILE B 169 -29.92 -11.08 -15.47
C ILE B 169 -31.00 -11.43 -16.51
N GLU B 170 -30.61 -11.94 -17.68
CA GLU B 170 -31.63 -12.24 -18.68
C GLU B 170 -32.67 -13.20 -18.13
N ALA B 171 -32.21 -14.29 -17.51
CA ALA B 171 -33.16 -15.28 -17.01
C ALA B 171 -33.92 -14.76 -15.80
N GLU B 172 -33.33 -13.80 -15.07
CA GLU B 172 -33.99 -13.28 -13.88
C GLU B 172 -35.20 -12.41 -14.24
N VAL B 173 -35.02 -11.46 -15.16
CA VAL B 173 -36.12 -10.56 -15.50
C VAL B 173 -37.19 -11.28 -16.30
N ARG B 174 -36.80 -12.24 -17.14
CA ARG B 174 -37.83 -13.02 -17.84
C ARG B 174 -38.80 -13.65 -16.84
N SER B 175 -38.30 -14.14 -15.71
CA SER B 175 -39.17 -14.77 -14.73
C SER B 175 -39.95 -13.75 -13.91
N ALA B 176 -39.33 -12.62 -13.58
CA ALA B 176 -40.01 -11.60 -12.79
C ALA B 176 -41.14 -10.95 -13.59
N THR B 177 -40.87 -10.56 -14.83
CA THR B 177 -41.93 -10.00 -15.67
C THR B 177 -43.06 -11.02 -15.88
N ALA B 178 -42.73 -12.31 -16.02
CA ALA B 178 -43.78 -13.31 -16.16
C ALA B 178 -44.66 -13.34 -14.93
N VAL B 179 -44.05 -13.39 -13.74
CA VAL B 179 -44.82 -13.34 -12.51
C VAL B 179 -45.69 -12.08 -12.50
N GLN B 180 -45.11 -10.94 -12.86
CA GLN B 180 -45.85 -9.68 -12.77
C GLN B 180 -47.07 -9.69 -13.68
N MET B 181 -46.91 -10.20 -14.90
CA MET B 181 -48.06 -10.22 -15.79
C MET B 181 -49.13 -11.19 -15.32
N ALA B 182 -48.72 -12.35 -14.79
CA ALA B 182 -49.70 -13.29 -14.26
C ALA B 182 -50.46 -12.68 -13.08
N ILE B 183 -49.77 -11.94 -12.22
CA ILE B 183 -50.46 -11.30 -11.11
C ILE B 183 -51.47 -10.29 -11.63
N ASN B 184 -51.08 -9.52 -12.65
CA ASN B 184 -51.98 -8.50 -13.18
C ASN B 184 -53.23 -9.14 -13.79
N THR B 185 -53.07 -10.29 -14.46
CA THR B 185 -54.19 -10.94 -15.11
C THR B 185 -55.11 -11.63 -14.10
N LEU B 186 -55.35 -10.99 -12.96
CA LEU B 186 -56.19 -11.59 -11.93
C LEU B 186 -57.24 -10.62 -11.42
N SER B 187 -58.37 -11.19 -11.03
CA SER B 187 -59.42 -10.45 -10.34
C SER B 187 -59.26 -10.63 -8.83
N TYR B 188 -60.05 -9.86 -8.06
CA TYR B 188 -60.15 -10.12 -6.64
C TYR B 188 -60.65 -11.55 -6.46
N SER B 189 -61.50 -11.99 -7.38
CA SER B 189 -62.09 -13.31 -7.36
C SER B 189 -61.00 -14.39 -7.34
N GLU B 190 -60.17 -14.41 -8.37
CA GLU B 190 -59.10 -15.39 -8.52
C GLU B 190 -57.91 -15.11 -7.59
N LEU B 191 -57.64 -13.84 -7.29
CA LEU B 191 -56.43 -13.52 -6.54
C LEU B 191 -56.50 -13.96 -5.09
N LYS B 192 -57.48 -13.47 -4.32
CA LYS B 192 -57.64 -13.99 -2.96
C LYS B 192 -57.77 -15.51 -2.99
N ALA B 193 -58.29 -16.04 -4.09
CA ALA B 193 -58.26 -17.48 -4.31
C ALA B 193 -56.82 -17.98 -4.36
N VAL B 194 -56.00 -17.40 -5.24
CA VAL B 194 -54.61 -17.82 -5.35
C VAL B 194 -53.92 -17.70 -3.99
N HIS B 195 -54.15 -16.60 -3.27
CA HIS B 195 -53.59 -16.44 -1.93
C HIS B 195 -53.81 -17.69 -1.09
N ALA B 196 -55.07 -18.13 -1.01
CA ALA B 196 -55.39 -19.29 -0.19
C ALA B 196 -54.84 -20.58 -0.78
N ILE B 197 -54.64 -20.65 -2.09
CA ILE B 197 -54.09 -21.85 -2.70
C ILE B 197 -52.70 -22.13 -2.16
N PHE B 198 -51.83 -21.12 -2.17
CA PHE B 198 -50.49 -21.30 -1.65
C PHE B 198 -50.51 -21.51 -0.14
N GLU B 199 -51.52 -20.96 0.54
CA GLU B 199 -51.65 -21.20 1.97
C GLU B 199 -51.88 -22.68 2.27
N ALA B 200 -52.96 -23.24 1.72
CA ALA B 200 -53.24 -24.65 1.89
C ALA B 200 -52.13 -25.52 1.31
N LEU B 201 -51.72 -25.23 0.07
CA LEU B 201 -50.62 -25.96 -0.58
C LEU B 201 -49.28 -25.54 0.03
N ASP B 202 -49.17 -25.83 1.33
CA ASP B 202 -47.95 -25.55 2.09
C ASP B 202 -46.80 -26.46 1.66
N GLY B 203 -45.62 -25.86 1.57
CA GLY B 203 -44.44 -26.55 1.08
C GLY B 203 -44.14 -26.21 -0.34
N GLU B 204 -45.02 -25.43 -0.99
CA GLU B 204 -44.91 -25.08 -2.40
C GLU B 204 -45.27 -26.25 -3.30
N GLU B 205 -45.08 -27.48 -2.82
CA GLU B 205 -45.45 -28.65 -3.58
C GLU B 205 -46.32 -29.48 -2.67
N GLY B 206 -47.39 -30.03 -3.24
CA GLY B 206 -48.32 -30.83 -2.47
C GLY B 206 -49.61 -31.03 -3.25
N ARG B 207 -50.51 -31.79 -2.64
CA ARG B 207 -51.80 -32.06 -3.28
C ARG B 207 -52.83 -31.00 -2.88
N LEU B 208 -53.86 -30.85 -3.73
CA LEU B 208 -54.90 -29.89 -3.41
C LEU B 208 -56.27 -30.38 -3.81
N THR B 209 -57.26 -29.94 -3.03
CA THR B 209 -58.68 -30.22 -3.23
C THR B 209 -59.35 -28.87 -3.46
N ALA B 210 -59.28 -28.38 -4.71
CA ALA B 210 -59.80 -27.04 -4.99
C ALA B 210 -61.25 -26.87 -4.54
N SER B 211 -62.08 -27.88 -4.80
CA SER B 211 -63.49 -27.78 -4.44
C SER B 211 -63.67 -27.54 -2.95
N SER B 212 -62.99 -28.34 -2.10
CA SER B 212 -63.13 -28.17 -0.66
C SER B 212 -62.72 -26.77 -0.22
N ILE B 213 -61.56 -26.31 -0.72
CA ILE B 213 -61.06 -24.99 -0.34
C ILE B 213 -62.06 -23.90 -0.71
N ALA B 214 -62.74 -24.05 -1.85
CA ALA B 214 -63.73 -23.05 -2.27
C ALA B 214 -64.63 -22.66 -1.10
N ASP B 215 -65.15 -23.64 -0.39
CA ASP B 215 -65.96 -23.34 0.79
C ASP B 215 -65.14 -22.61 1.84
N GLU B 216 -63.86 -22.97 2.00
CA GLU B 216 -63.08 -22.36 3.07
C GLU B 216 -62.93 -20.86 2.88
N ILE B 217 -62.99 -20.37 1.64
CA ILE B 217 -62.74 -18.97 1.33
C ILE B 217 -64.02 -18.19 1.04
N GLY B 218 -65.14 -18.86 0.81
CA GLY B 218 -66.36 -18.12 0.49
C GLY B 218 -66.25 -17.47 -0.88
N ILE B 219 -65.70 -18.21 -1.85
CA ILE B 219 -65.51 -17.74 -3.21
C ILE B 219 -66.20 -18.71 -4.16
N THR B 220 -66.81 -18.13 -5.19
CA THR B 220 -67.56 -18.93 -6.17
C THR B 220 -66.69 -20.08 -6.64
N ARG B 221 -67.26 -21.25 -6.90
CA ARG B 221 -66.50 -22.51 -7.20
C ARG B 221 -65.89 -22.54 -8.60
N SER B 222 -66.49 -21.84 -9.57
CA SER B 222 -65.84 -21.64 -10.86
C SER B 222 -64.69 -20.65 -10.77
N VAL B 223 -64.89 -19.58 -10.00
CA VAL B 223 -63.87 -18.55 -9.84
C VAL B 223 -62.56 -19.13 -9.32
N ILE B 224 -62.65 -20.03 -8.32
CA ILE B 224 -61.45 -20.66 -7.80
C ILE B 224 -60.65 -21.31 -8.92
N VAL B 225 -61.35 -21.99 -9.83
CA VAL B 225 -60.65 -22.74 -10.87
C VAL B 225 -60.04 -21.79 -11.90
N ASN B 226 -60.68 -20.65 -12.18
CA ASN B 226 -60.15 -19.72 -13.16
C ASN B 226 -58.71 -19.32 -12.85
N ALA B 227 -58.39 -19.10 -11.58
CA ALA B 227 -57.02 -18.74 -11.21
C ALA B 227 -56.06 -19.87 -11.56
N LEU B 228 -56.51 -21.11 -11.39
CA LEU B 228 -55.64 -22.25 -11.65
C LEU B 228 -55.24 -22.30 -13.12
N ARG B 229 -56.22 -22.39 -14.02
CA ARG B 229 -55.91 -22.47 -15.44
C ARG B 229 -55.14 -21.25 -15.91
N LYS B 230 -55.36 -20.08 -15.28
CA LYS B 230 -54.59 -18.91 -15.65
C LYS B 230 -53.12 -19.08 -15.29
N LEU B 231 -52.85 -19.45 -14.03
CA LEU B 231 -51.47 -19.58 -13.57
C LEU B 231 -50.73 -20.68 -14.32
N GLU B 232 -51.38 -21.82 -14.56
CA GLU B 232 -50.69 -22.94 -15.21
C GLU B 232 -50.46 -22.67 -16.69
N SER B 233 -51.46 -22.12 -17.39
CA SER B 233 -51.28 -21.74 -18.78
C SER B 233 -50.31 -20.56 -18.90
N ALA B 234 -50.30 -19.68 -17.90
CA ALA B 234 -49.29 -18.63 -17.83
C ALA B 234 -47.90 -19.19 -17.53
N GLY B 235 -47.83 -20.41 -17.00
CA GLY B 235 -46.55 -21.06 -16.77
C GLY B 235 -45.92 -20.78 -15.43
N ILE B 236 -46.65 -20.97 -14.35
CA ILE B 236 -46.12 -20.76 -13.01
C ILE B 236 -46.35 -21.99 -12.15
N ILE B 237 -47.21 -22.92 -12.59
CA ILE B 237 -47.45 -24.15 -11.85
C ILE B 237 -47.77 -25.30 -12.80
N GLU B 238 -47.58 -26.52 -12.31
CA GLU B 238 -47.81 -27.75 -13.04
C GLU B 238 -48.89 -28.56 -12.33
N SER B 239 -49.72 -29.26 -13.11
CA SER B 239 -50.83 -30.02 -12.53
C SER B 239 -51.06 -31.32 -13.30
N ARG B 240 -51.48 -32.33 -12.56
CA ARG B 240 -51.94 -33.61 -13.07
C ARG B 240 -53.22 -33.94 -12.33
N SER B 241 -54.23 -34.41 -13.07
CA SER B 241 -55.54 -34.65 -12.48
C SER B 241 -55.46 -35.96 -11.71
N LEU B 242 -55.83 -35.91 -10.44
CA LEU B 242 -55.83 -37.09 -9.58
C LEU B 242 -57.21 -37.73 -9.49
N GLY B 243 -58.18 -37.21 -10.25
CA GLY B 243 -59.52 -37.74 -10.17
C GLY B 243 -60.17 -37.30 -8.86
N MET B 244 -60.83 -38.24 -8.20
CA MET B 244 -61.50 -37.93 -6.94
C MET B 244 -60.53 -37.36 -5.91
N LYS B 245 -59.27 -37.79 -5.92
CA LYS B 245 -58.33 -37.30 -4.93
C LYS B 245 -58.14 -35.79 -5.03
N GLY B 246 -58.20 -35.24 -6.24
CA GLY B 246 -58.11 -33.81 -6.43
C GLY B 246 -57.28 -33.47 -7.66
N THR B 247 -56.43 -32.45 -7.50
CA THR B 247 -55.46 -32.07 -8.52
C THR B 247 -54.19 -31.72 -7.75
N TYR B 248 -53.06 -32.25 -8.22
CA TYR B 248 -51.76 -32.08 -7.56
C TYR B 248 -50.99 -31.02 -8.34
N LEU B 249 -50.51 -30.01 -7.63
CA LEU B 249 -49.87 -28.83 -8.21
C LEU B 249 -48.41 -28.75 -7.81
N LYS B 250 -47.67 -27.95 -8.57
CA LYS B 250 -46.24 -27.78 -8.35
C LYS B 250 -45.89 -26.33 -8.62
N VAL B 251 -45.24 -25.67 -7.67
CA VAL B 251 -44.78 -24.31 -7.85
C VAL B 251 -43.52 -24.34 -8.71
N LEU B 252 -43.56 -23.63 -9.84
CA LEU B 252 -42.43 -23.59 -10.76
C LEU B 252 -41.67 -22.27 -10.71
N ASN B 253 -42.29 -21.20 -10.25
CA ASN B 253 -41.61 -19.94 -9.98
C ASN B 253 -41.76 -19.61 -8.50
N GLN B 254 -40.67 -19.73 -7.75
CA GLN B 254 -40.72 -19.60 -6.31
C GLN B 254 -40.68 -18.14 -5.86
N GLN B 255 -40.24 -17.23 -6.75
CA GLN B 255 -40.31 -15.82 -6.44
C GLN B 255 -41.71 -15.26 -6.52
N PHE B 256 -42.67 -16.06 -7.00
CA PHE B 256 -44.06 -15.61 -7.08
C PHE B 256 -44.58 -15.24 -5.69
N ILE B 257 -44.44 -16.15 -4.74
CA ILE B 257 -45.04 -15.94 -3.42
C ILE B 257 -44.47 -14.69 -2.77
N LYS B 258 -43.18 -14.42 -2.98
CA LYS B 258 -42.60 -13.19 -2.47
C LYS B 258 -43.36 -11.98 -3.00
N GLU B 259 -43.74 -12.02 -4.28
CA GLU B 259 -44.44 -10.87 -4.88
C GLU B 259 -45.87 -10.76 -4.38
N LEU B 260 -46.51 -11.88 -4.06
CA LEU B 260 -47.90 -11.83 -3.60
C LEU B 260 -48.01 -11.47 -2.12
N GLU B 261 -47.06 -11.91 -1.29
CA GLU B 261 -47.07 -11.53 0.11
C GLU B 261 -46.64 -10.09 0.34
N LYS B 262 -46.14 -9.42 -0.69
CA LYS B 262 -45.77 -8.00 -0.58
C LYS B 262 -47.02 -7.15 -0.33
N ALA C 2 23.95 5.10 46.32
CA ALA C 2 25.21 5.23 45.51
C ALA C 2 24.90 4.89 44.05
N MET C 3 24.48 3.65 43.83
CA MET C 3 24.10 3.24 42.49
C MET C 3 22.97 4.11 41.94
N ALA C 4 22.03 4.52 42.79
CA ALA C 4 20.93 5.33 42.32
C ALA C 4 21.40 6.73 41.94
N THR C 5 22.41 7.28 42.63
CA THR C 5 22.86 8.62 42.25
C THR C 5 23.70 8.55 40.98
N LEU C 6 24.43 7.46 40.80
CA LEU C 6 25.13 7.23 39.54
C LEU C 6 24.14 7.23 38.39
N LEU C 7 23.05 6.47 38.55
CA LEU C 7 22.08 6.39 37.48
C LEU C 7 21.60 7.78 37.13
N GLU C 8 21.19 8.52 38.17
CA GLU C 8 20.69 9.87 37.96
C GLU C 8 21.71 10.72 37.23
N LYS C 9 22.99 10.57 37.60
CA LYS C 9 24.03 11.35 36.95
C LYS C 9 24.14 11.00 35.47
N THR C 10 24.18 9.68 35.14
CA THR C 10 24.18 9.26 33.74
C THR C 10 22.99 9.86 33.01
N ARG C 11 21.86 10.04 33.71
CA ARG C 11 20.68 10.60 33.06
C ARG C 11 20.88 12.08 32.81
N GLN C 12 21.60 12.76 33.70
CA GLN C 12 21.87 14.17 33.46
C GLN C 12 22.72 14.32 32.21
N VAL C 13 23.76 13.48 32.11
CA VAL C 13 24.61 13.45 30.93
C VAL C 13 23.80 13.11 29.70
N ASN C 14 22.83 12.23 29.85
CA ASN C 14 22.05 11.86 28.68
C ASN C 14 21.24 13.05 28.22
N GLU C 15 20.47 13.64 29.12
CA GLU C 15 19.60 14.76 28.77
C GLU C 15 20.39 15.91 28.17
N LEU C 16 21.57 16.21 28.74
CA LEU C 16 22.34 17.38 28.35
C LEU C 16 23.26 17.15 27.16
N LEU C 17 23.79 15.94 26.94
CA LEU C 17 24.77 15.78 25.88
C LEU C 17 24.41 14.73 24.86
N GLN C 18 23.43 13.87 25.15
CA GLN C 18 22.97 12.89 24.20
C GLN C 18 21.77 13.38 23.40
N LYS C 19 20.86 14.07 24.08
CA LYS C 19 19.63 14.55 23.45
C LYS C 19 19.77 15.97 22.91
N ASN C 20 20.96 16.56 22.94
CA ASN C 20 21.16 17.89 22.37
C ASN C 20 22.31 17.85 21.36
N ASN C 21 22.19 18.64 20.31
CA ASN C 21 23.26 18.85 19.34
C ASN C 21 23.98 20.15 19.68
N LEU C 22 25.20 20.03 20.20
CA LEU C 22 25.97 21.20 20.61
C LEU C 22 26.84 21.73 19.47
N PHE C 23 26.18 22.12 18.37
CA PHE C 23 26.92 22.62 17.20
C PHE C 23 25.97 23.45 16.31
N ASP C 24 25.90 24.76 16.62
CA ASP C 24 25.30 25.77 15.75
C ASP C 24 25.13 27.11 16.51
N LEU C 29 30.45 28.34 21.78
CA LEU C 29 31.68 27.51 21.76
C LEU C 29 31.36 26.04 22.12
N PRO C 30 31.01 25.23 21.11
CA PRO C 30 30.58 23.85 21.37
C PRO C 30 31.36 23.08 22.45
N TYR C 31 32.68 23.05 22.33
CA TYR C 31 33.47 22.19 23.21
C TYR C 31 33.61 22.71 24.63
N ASN C 32 33.67 24.01 24.86
CA ASN C 32 33.68 24.44 26.25
C ASN C 32 32.36 24.12 26.95
N LYS C 33 31.24 24.14 26.24
CA LYS C 33 30.00 23.84 26.94
C LYS C 33 29.96 22.37 27.33
N MET C 34 30.51 21.53 26.48
CA MET C 34 30.68 20.10 26.77
C MET C 34 31.52 19.95 28.04
N ALA C 35 32.62 20.69 28.13
CA ALA C 35 33.58 20.46 29.21
C ALA C 35 32.98 20.87 30.52
N MET C 36 32.29 22.02 30.51
CA MET C 36 31.63 22.56 31.69
C MET C 36 30.60 21.57 32.22
N ILE C 37 29.70 21.10 31.33
CA ILE C 37 28.76 20.05 31.69
C ILE C 37 29.50 18.86 32.30
N LEU C 38 30.54 18.36 31.60
CA LEU C 38 31.29 17.23 32.14
C LEU C 38 31.86 17.56 33.51
N GLY C 39 32.51 18.73 33.63
CA GLY C 39 33.12 19.10 34.90
C GLY C 39 32.11 19.26 36.02
N ASP C 40 30.95 19.82 35.71
CA ASP C 40 29.89 19.88 36.70
C ASP C 40 29.49 18.50 37.18
N ILE C 41 29.05 17.64 36.27
CA ILE C 41 28.60 16.30 36.63
C ILE C 41 29.70 15.54 37.38
N LEU C 42 30.93 15.63 36.89
CA LEU C 42 31.98 14.82 37.49
C LEU C 42 32.73 15.55 38.60
N GLU C 43 32.30 16.76 38.95
CA GLU C 43 32.90 17.48 40.08
C GLU C 43 34.41 17.57 39.92
N SER C 44 34.84 18.04 38.75
CA SER C 44 36.24 18.10 38.37
C SER C 44 36.40 19.22 37.36
N ASN C 45 37.62 19.72 37.23
CA ASN C 45 37.98 20.35 35.97
C ASN C 45 38.09 19.30 34.86
N ALA C 46 38.05 19.75 33.61
CA ALA C 46 37.90 18.83 32.49
C ALA C 46 38.40 19.51 31.22
N TYR C 47 39.07 18.71 30.39
CA TYR C 47 39.66 19.20 29.15
C TYR C 47 39.35 18.15 28.12
N ILE C 48 39.06 18.60 26.91
CA ILE C 48 38.77 17.72 25.80
C ILE C 48 39.83 17.95 24.76
N ILE C 49 40.49 16.86 24.36
CA ILE C 49 41.61 16.90 23.42
C ILE C 49 41.29 16.05 22.20
N SER C 50 41.44 16.63 21.02
CA SER C 50 41.15 15.92 19.79
C SER C 50 42.12 14.75 19.58
N SER C 51 41.84 13.96 18.55
CA SER C 51 42.72 12.83 18.26
C SER C 51 44.11 13.32 17.90
N SER C 52 44.18 14.53 17.35
CA SER C 52 45.45 15.09 16.90
C SER C 52 46.13 16.01 17.92
N GLY C 53 45.67 16.00 19.16
CA GLY C 53 46.35 16.73 20.22
C GLY C 53 45.87 18.15 20.44
N ASP C 54 44.88 18.61 19.70
CA ASP C 54 44.37 19.96 19.91
C ASP C 54 43.41 20.03 21.08
N LEU C 55 43.54 21.07 21.89
CA LEU C 55 42.63 21.28 23.01
C LEU C 55 41.33 21.86 22.48
N LEU C 56 40.28 21.04 22.47
CA LEU C 56 39.04 21.48 21.85
C LEU C 56 38.23 22.36 22.80
N GLY C 57 38.23 22.05 24.09
CA GLY C 57 37.52 22.85 25.07
C GLY C 57 37.86 22.37 26.46
N TYR C 58 37.59 23.22 27.44
CA TYR C 58 37.86 22.85 28.82
C TYR C 58 37.06 23.73 29.75
N THR C 59 37.12 23.38 31.03
CA THR C 59 36.54 24.16 32.10
C THR C 59 37.41 23.98 33.33
N GLU C 60 37.64 25.10 34.00
CA GLU C 60 38.44 25.18 35.22
C GLU C 60 37.66 26.03 36.20
N LYS C 61 37.45 25.51 37.40
CA LYS C 61 36.68 26.25 38.39
C LYS C 61 37.35 27.57 38.77
N LEU C 62 36.62 28.67 38.69
CA LEU C 62 37.16 29.96 39.11
C LEU C 62 37.12 30.10 40.63
N ASP C 63 38.20 30.61 41.20
CA ASP C 63 38.19 31.12 42.58
C ASP C 63 37.81 32.59 42.54
N VAL C 64 36.55 32.90 42.87
CA VAL C 64 36.07 34.28 42.77
C VAL C 64 36.86 35.20 43.70
N ASN C 65 37.01 34.79 44.96
CA ASN C 65 37.56 35.67 45.99
C ASN C 65 39.00 36.08 45.71
N ASN C 66 39.75 35.26 44.98
CA ASN C 66 41.09 35.64 44.55
C ASN C 66 41.10 36.11 43.10
N ALA C 67 39.93 36.42 42.55
CA ALA C 67 39.82 36.69 41.13
C ALA C 67 40.46 38.03 40.80
N ARG C 68 41.28 38.05 39.75
CA ARG C 68 41.88 39.27 39.22
C ARG C 68 41.57 39.33 37.74
N ILE C 69 41.07 40.48 37.28
CA ILE C 69 40.64 40.59 35.89
C ILE C 69 41.76 40.21 34.93
N LYS C 70 42.99 40.63 35.24
CA LYS C 70 44.13 40.31 34.38
C LYS C 70 44.30 38.80 34.22
N ASN C 71 44.44 38.10 35.35
CA ASN C 71 44.71 36.67 35.37
C ASN C 71 43.46 35.86 35.06
N MET C 72 42.52 36.42 34.31
CA MET C 72 41.29 35.73 33.97
C MET C 72 41.09 35.49 32.49
N PHE C 73 41.74 36.26 31.61
CA PHE C 73 41.72 35.99 30.19
C PHE C 73 42.85 35.05 29.74
N LYS C 74 43.56 34.45 30.68
CA LYS C 74 44.60 33.49 30.34
C LYS C 74 44.02 32.28 29.64
N GLU C 75 44.66 31.88 28.55
CA GLU C 75 44.28 30.69 27.82
C GLU C 75 45.12 29.50 28.30
N LYS C 76 44.45 28.48 28.84
CA LYS C 76 45.13 27.26 29.27
C LYS C 76 46.01 26.71 28.15
N LYS C 77 47.29 26.51 28.46
CA LYS C 77 48.25 25.83 27.60
C LYS C 77 48.90 24.71 28.40
N PHE C 78 48.98 23.55 27.78
CA PHE C 78 49.65 22.40 28.39
C PHE C 78 51.13 22.37 28.02
N PRO C 79 51.93 21.65 28.79
CA PRO C 79 53.34 21.52 28.44
C PRO C 79 53.53 20.94 27.05
N GLN C 80 54.63 21.34 26.40
CA GLN C 80 54.95 20.83 25.06
C GLN C 80 55.00 19.32 25.11
N GLY C 81 54.30 18.67 24.18
CA GLY C 81 54.24 17.24 24.07
C GLY C 81 53.28 16.54 24.99
N TYR C 82 52.58 17.26 25.86
CA TYR C 82 51.65 16.61 26.76
C TYR C 82 50.49 15.96 26.00
N THR C 83 49.88 16.69 25.06
CA THR C 83 48.77 16.14 24.30
C THR C 83 49.18 14.88 23.54
N GLU C 84 50.28 14.93 22.78
CA GLU C 84 50.70 13.72 22.06
C GLU C 84 51.07 12.62 23.04
N ALA C 85 51.55 12.97 24.21
CA ALA C 85 51.76 11.97 25.24
C ALA C 85 50.47 11.20 25.55
N VAL C 86 49.38 11.90 25.86
CA VAL C 86 48.19 11.21 26.35
C VAL C 86 47.56 10.36 25.24
N ASP C 87 47.77 10.71 23.96
CA ASP C 87 47.38 9.80 22.89
C ASP C 87 48.07 8.44 22.97
N MET C 88 49.19 8.35 23.70
CA MET C 88 49.85 7.06 23.88
C MET C 88 49.14 6.26 24.94
N LEU C 89 48.41 6.89 25.84
CA LEU C 89 47.60 6.11 26.76
C LEU C 89 46.40 5.51 26.00
N LYS C 90 46.26 4.18 26.02
CA LYS C 90 45.20 3.54 25.26
C LYS C 90 44.06 3.09 26.16
N VAL C 91 44.29 2.98 27.45
CA VAL C 91 43.19 2.70 28.37
C VAL C 91 43.20 3.76 29.46
N THR C 92 42.04 3.97 30.06
CA THR C 92 41.90 4.98 31.11
C THR C 92 42.94 4.78 32.20
N GLU C 93 43.59 5.89 32.61
CA GLU C 93 44.52 5.94 33.74
C GLU C 93 43.95 6.88 34.80
N ALA C 94 43.71 6.34 35.99
CA ALA C 94 42.94 7.01 37.01
C ALA C 94 43.86 7.47 38.12
N ASN C 95 43.53 8.61 38.74
CA ASN C 95 44.19 9.05 39.96
C ASN C 95 45.70 9.18 39.79
N ILE C 96 46.11 9.66 38.62
CA ILE C 96 47.51 10.00 38.40
C ILE C 96 47.96 11.06 39.42
N PRO C 97 49.04 10.83 40.17
CA PRO C 97 49.44 11.79 41.22
C PRO C 97 49.97 13.08 40.60
N ILE C 98 50.18 14.07 41.46
CA ILE C 98 50.67 15.37 40.99
C ILE C 98 52.09 15.29 40.46
N ASP C 99 52.92 14.40 41.04
CA ASP C 99 54.34 14.35 40.67
C ASP C 99 54.58 13.70 39.31
N SER C 100 53.57 13.15 38.66
CA SER C 100 53.73 12.62 37.31
C SER C 100 53.60 13.72 36.27
N ASP C 101 54.38 13.60 35.19
CA ASP C 101 54.24 14.56 34.11
C ASP C 101 52.98 14.36 33.28
N LEU C 102 52.18 13.34 33.58
CA LEU C 102 50.85 13.25 32.99
C LEU C 102 49.80 14.02 33.78
N THR C 103 50.16 14.56 34.95
CA THR C 103 49.21 15.38 35.72
C THR C 103 48.75 16.55 34.88
N ALA C 104 47.46 16.93 35.06
CA ALA C 104 46.93 18.06 34.29
C ALA C 104 47.24 19.41 34.94
N PHE C 105 47.55 19.42 36.24
CA PHE C 105 47.95 20.66 36.91
C PHE C 105 49.25 21.22 36.32
N PRO C 106 49.35 22.54 36.17
CA PRO C 106 50.61 23.10 35.66
C PRO C 106 51.77 22.69 36.54
N PHE C 107 52.87 22.26 35.90
CA PHE C 107 54.03 21.77 36.66
C PHE C 107 54.53 22.85 37.61
N GLU C 108 54.36 24.12 37.23
CA GLU C 108 54.85 25.22 38.07
C GLU C 108 54.18 25.20 39.44
N SER C 109 52.89 24.88 39.48
CA SER C 109 52.11 24.94 40.70
C SER C 109 52.04 23.61 41.43
N ARG C 110 52.97 22.70 41.15
CA ARG C 110 52.97 21.43 41.87
C ARG C 110 52.97 21.65 43.38
N GLU C 111 53.53 22.77 43.84
CA GLU C 111 53.60 23.02 45.27
C GLU C 111 52.21 23.33 45.84
N LEU C 112 51.34 23.92 45.03
CA LEU C 112 50.07 24.42 45.54
C LEU C 112 49.00 23.34 45.69
N TYR C 113 49.14 22.21 44.99
CA TYR C 113 48.15 21.13 45.01
C TYR C 113 48.85 19.80 45.24
N PRO C 114 49.39 19.58 46.44
CA PRO C 114 50.06 18.31 46.70
C PRO C 114 49.13 17.12 46.64
N PHE C 115 47.81 17.31 46.60
CA PHE C 115 46.87 16.18 46.54
C PHE C 115 46.11 16.11 45.22
N GLY C 116 46.51 16.89 44.23
CA GLY C 116 45.88 16.86 42.93
C GLY C 116 45.92 15.52 42.18
N LEU C 117 44.75 15.08 41.72
CA LEU C 117 44.60 13.82 41.02
C LEU C 117 44.07 14.10 39.63
N THR C 118 44.72 13.52 38.64
CA THR C 118 44.31 13.58 37.25
C THR C 118 43.90 12.21 36.74
N THR C 119 42.82 12.17 35.96
CA THR C 119 42.29 10.95 35.35
C THR C 119 42.14 11.18 33.86
N ILE C 120 42.76 10.33 33.06
CA ILE C 120 42.85 10.48 31.61
C ILE C 120 42.01 9.37 30.98
N VAL C 121 41.14 9.73 30.04
CA VAL C 121 40.16 8.79 29.52
C VAL C 121 40.20 8.86 28.01
N PRO C 122 40.76 7.85 27.35
CA PRO C 122 40.69 7.83 25.90
C PRO C 122 39.25 7.87 25.42
N LEU C 123 39.06 8.47 24.28
CA LEU C 123 37.78 8.47 23.60
C LEU C 123 37.87 7.50 22.43
N TYR C 124 37.22 6.36 22.55
CA TYR C 124 37.19 5.38 21.47
C TYR C 124 35.77 5.22 20.96
N GLY C 125 35.60 5.37 19.64
CA GLY C 125 34.35 5.04 19.00
C GLY C 125 34.48 4.09 17.82
N ALA C 126 33.79 2.94 17.92
CA ALA C 126 33.74 1.98 16.83
C ALA C 126 35.13 1.64 16.29
N GLY C 127 36.11 1.62 17.18
CA GLY C 127 37.44 1.20 16.84
C GLY C 127 38.43 2.31 16.59
N LYS C 128 38.01 3.58 16.61
CA LYS C 128 38.92 4.68 16.27
C LYS C 128 39.09 5.63 17.46
N ARG C 129 40.28 6.25 17.55
CA ARG C 129 40.57 7.20 18.62
C ARG C 129 39.98 8.54 18.22
N LEU C 130 39.10 9.10 19.05
CA LEU C 130 38.44 10.36 18.75
C LEU C 130 39.01 11.52 19.55
N GLY C 131 39.82 11.22 20.56
CA GLY C 131 40.52 12.17 21.38
C GLY C 131 40.63 11.67 22.81
N THR C 132 40.68 12.59 23.75
CA THR C 132 40.92 12.19 25.13
C THR C 132 40.16 13.15 26.00
N ILE C 133 39.71 12.65 27.14
CA ILE C 133 39.13 13.50 28.17
C ILE C 133 40.04 13.44 29.38
N ILE C 134 40.38 14.61 29.90
CA ILE C 134 41.22 14.70 31.09
C ILE C 134 40.41 15.34 32.19
N LEU C 135 40.39 14.71 33.35
CA LEU C 135 39.67 15.19 34.51
C LEU C 135 40.70 15.46 35.60
N ALA C 136 40.47 16.50 36.40
CA ALA C 136 41.38 16.93 37.46
C ALA C 136 40.56 17.42 38.64
N ARG C 137 40.78 16.77 39.77
CA ARG C 137 40.26 17.17 41.04
C ARG C 137 41.41 17.58 41.95
N VAL C 138 41.17 18.60 42.76
CA VAL C 138 41.98 18.80 43.96
C VAL C 138 41.47 17.82 44.99
N GLU C 139 42.37 17.09 45.61
CA GLU C 139 42.05 16.21 46.73
C GLU C 139 41.27 14.94 46.42
N LYS C 140 40.06 15.05 45.82
CA LYS C 140 39.11 13.94 45.87
C LYS C 140 39.47 12.84 44.89
N SER C 141 39.53 11.62 45.38
CA SER C 141 39.96 10.51 44.55
C SER C 141 38.84 10.10 43.61
N PHE C 142 39.23 9.59 42.44
CA PHE C 142 38.25 9.12 41.47
C PHE C 142 37.88 7.69 41.82
N ASN C 143 36.69 7.53 42.35
CA ASN C 143 36.21 6.24 42.81
C ASN C 143 35.52 5.48 41.67
N GLU C 144 35.30 4.18 41.92
CA GLU C 144 34.68 3.29 40.93
C GLU C 144 33.43 3.91 40.29
N ASP C 145 32.51 4.41 41.11
CA ASP C 145 31.36 5.11 40.56
C ASP C 145 31.78 6.27 39.66
N ASP C 146 32.81 7.04 40.04
CA ASP C 146 33.22 8.15 39.19
C ASP C 146 33.78 7.63 37.86
N LEU C 147 34.50 6.52 37.93
CA LEU C 147 35.07 5.98 36.70
C LEU C 147 33.99 5.49 35.73
N VAL C 148 32.97 4.80 36.22
CA VAL C 148 31.88 4.46 35.31
C VAL C 148 31.34 5.74 34.65
N LEU C 149 31.04 6.75 35.47
CA LEU C 149 30.48 7.98 34.91
C LEU C 149 31.43 8.59 33.89
N ALA C 150 32.72 8.59 34.20
CA ALA C 150 33.71 9.10 33.26
C ALA C 150 33.64 8.34 31.94
N GLU C 151 33.69 7.01 32.00
CA GLU C 151 33.66 6.24 30.77
C GLU C 151 32.37 6.50 30.02
N TYR C 152 31.25 6.58 30.76
CA TYR C 152 29.97 6.90 30.16
C TYR C 152 30.05 8.26 29.46
N SER C 153 30.53 9.29 30.17
CA SER C 153 30.62 10.64 29.57
C SER C 153 31.56 10.64 28.36
N ALA C 154 32.63 9.84 28.42
CA ALA C 154 33.56 9.71 27.28
C ALA C 154 32.87 9.21 26.01
N THR C 155 32.01 8.18 26.10
CA THR C 155 31.33 7.72 24.89
C THR C 155 30.36 8.78 24.36
N VAL C 156 29.71 9.53 25.24
CA VAL C 156 28.78 10.59 24.82
C VAL C 156 29.52 11.71 24.10
N VAL C 157 30.65 12.13 24.66
CA VAL C 157 31.44 13.13 23.96
C VAL C 157 31.95 12.55 22.65
N GLY C 158 32.33 11.27 22.65
CA GLY C 158 32.78 10.66 21.41
C GLY C 158 31.71 10.73 20.35
N MET C 159 30.46 10.47 20.74
CA MET C 159 29.35 10.60 19.79
C MET C 159 29.29 12.01 19.23
N GLN C 160 29.45 13.01 20.10
CA GLN C 160 29.33 14.38 19.64
C GLN C 160 30.41 14.65 18.61
N ILE C 161 31.63 14.22 18.92
CA ILE C 161 32.75 14.39 18.03
C ILE C 161 32.48 13.69 16.70
N LEU C 162 32.06 12.44 16.76
CA LEU C 162 31.77 11.70 15.54
C LEU C 162 30.71 12.41 14.71
N TYR C 163 29.62 12.87 15.33
CA TYR C 163 28.60 13.56 14.54
C TYR C 163 29.16 14.78 13.83
N HIS C 164 29.92 15.62 14.55
CA HIS C 164 30.45 16.84 13.95
C HIS C 164 31.30 16.51 12.73
N GLN C 165 32.17 15.52 12.84
CA GLN C 165 32.98 15.14 11.70
C GLN C 165 32.10 14.69 10.54
N SER C 166 31.09 13.86 10.82
CA SER C 166 30.21 13.39 9.75
C SER C 166 29.65 14.55 8.93
N ARG C 167 29.55 15.73 9.53
CA ARG C 167 28.90 16.84 8.84
C ARG C 167 29.81 17.42 7.76
N THR C 168 31.12 17.30 7.93
CA THR C 168 32.06 17.90 6.99
C THR C 168 32.76 16.85 6.12
N ILE C 169 32.24 15.62 6.07
CA ILE C 169 32.89 14.58 5.29
C ILE C 169 32.64 14.81 3.80
N GLU C 170 31.37 14.83 3.40
CA GLU C 170 31.03 14.89 1.98
C GLU C 170 31.85 15.95 1.25
N ALA C 171 32.09 17.08 1.89
CA ALA C 171 32.90 18.13 1.27
C ALA C 171 34.38 17.75 1.27
N GLU C 172 34.87 17.20 2.39
CA GLU C 172 36.29 16.91 2.50
C GLU C 172 36.74 15.81 1.54
N VAL C 173 35.85 14.88 1.20
CA VAL C 173 36.27 13.69 0.45
C VAL C 173 36.39 14.01 -1.04
N ARG C 174 35.42 14.73 -1.61
CA ARG C 174 35.55 15.16 -2.99
C ARG C 174 36.88 15.89 -3.20
N SER C 175 37.27 16.72 -2.24
CA SER C 175 38.56 17.39 -2.32
C SER C 175 39.72 16.40 -2.23
N ALA C 176 39.55 15.29 -1.51
CA ALA C 176 40.61 14.30 -1.37
C ALA C 176 40.64 13.29 -2.51
N THR C 177 39.48 13.02 -3.14
CA THR C 177 39.51 12.26 -4.39
C THR C 177 40.16 13.08 -5.50
N ALA C 178 39.84 14.37 -5.58
CA ALA C 178 40.53 15.25 -6.53
C ALA C 178 42.04 15.19 -6.36
N VAL C 179 42.51 14.94 -5.14
CA VAL C 179 43.95 14.98 -4.87
C VAL C 179 44.68 13.91 -5.68
N GLN C 180 44.27 12.66 -5.52
CA GLN C 180 44.97 11.56 -6.20
C GLN C 180 44.50 11.33 -7.62
N MET C 181 43.35 11.89 -8.03
CA MET C 181 42.92 11.76 -9.42
C MET C 181 43.88 12.47 -10.35
N ALA C 182 44.42 13.62 -9.94
CA ALA C 182 45.37 14.36 -10.76
C ALA C 182 46.58 13.49 -11.09
N ILE C 183 47.28 13.02 -10.08
CA ILE C 183 48.44 12.17 -10.27
C ILE C 183 47.99 10.73 -10.48
N GLY D 1 32.68 -5.37 44.59
CA GLY D 1 31.35 -4.84 45.01
C GLY D 1 30.40 -4.58 43.86
N ALA D 2 29.20 -4.09 44.19
CA ALA D 2 28.23 -3.77 43.14
C ALA D 2 28.83 -2.80 42.13
N MET D 3 29.53 -1.77 42.62
CA MET D 3 30.11 -0.76 41.75
C MET D 3 31.34 -1.31 41.01
N ALA D 4 32.14 -2.14 41.68
CA ALA D 4 33.31 -2.71 41.01
C ALA D 4 32.92 -3.68 39.90
N THR D 5 31.84 -4.44 40.11
CA THR D 5 31.36 -5.33 39.07
C THR D 5 30.84 -4.52 37.89
N LEU D 6 30.07 -3.47 38.19
CA LEU D 6 29.52 -2.62 37.14
C LEU D 6 30.64 -2.03 36.30
N LEU D 7 31.67 -1.50 36.96
CA LEU D 7 32.79 -0.95 36.21
C LEU D 7 33.43 -2.01 35.31
N GLU D 8 33.64 -3.22 35.84
CA GLU D 8 34.27 -4.27 35.06
C GLU D 8 33.43 -4.62 33.83
N LYS D 9 32.11 -4.67 33.99
CA LYS D 9 31.28 -4.93 32.82
C LYS D 9 31.35 -3.79 31.81
N THR D 10 31.31 -2.52 32.25
CA THR D 10 31.44 -1.43 31.28
C THR D 10 32.77 -1.56 30.54
N ARG D 11 33.82 -2.02 31.23
CA ARG D 11 35.12 -2.20 30.57
C ARG D 11 35.08 -3.34 29.56
N GLN D 12 34.34 -4.39 29.90
CA GLN D 12 34.12 -5.46 28.94
C GLN D 12 33.46 -4.90 27.70
N VAL D 13 32.43 -4.06 27.89
CA VAL D 13 31.75 -3.43 26.76
C VAL D 13 32.72 -2.57 25.96
N ASN D 14 33.56 -1.82 26.64
CA ASN D 14 34.53 -1.00 25.93
C ASN D 14 35.46 -1.85 25.07
N GLU D 15 36.11 -2.85 25.68
CA GLU D 15 37.09 -3.62 24.92
C GLU D 15 36.48 -4.33 23.73
N LEU D 16 35.26 -4.82 23.88
CA LEU D 16 34.69 -5.62 22.80
C LEU D 16 33.95 -4.77 21.78
N LEU D 17 33.35 -3.65 22.16
CA LEU D 17 32.49 -2.92 21.24
C LEU D 17 32.95 -1.51 20.95
N GLN D 18 33.68 -0.87 21.85
CA GLN D 18 34.14 0.49 21.54
C GLN D 18 35.40 0.46 20.71
N LYS D 19 36.24 -0.55 20.89
CA LYS D 19 37.53 -0.59 20.20
C LYS D 19 37.51 -1.47 18.97
N ASN D 20 36.32 -1.83 18.48
CA ASN D 20 36.21 -2.64 17.27
C ASN D 20 35.04 -2.10 16.48
N ASN D 21 35.12 -2.24 15.16
CA ASN D 21 33.99 -1.97 14.28
C ASN D 21 33.10 -3.21 14.16
N LEU D 22 31.80 -3.09 14.48
CA LEU D 22 30.99 -4.28 14.70
C LEU D 22 29.86 -4.46 13.67
N PHE D 23 29.99 -3.82 12.52
CA PHE D 23 28.97 -3.91 11.49
C PHE D 23 29.31 -5.12 10.65
N ASP D 24 28.53 -6.20 10.79
CA ASP D 24 28.76 -7.44 10.08
C ASP D 24 28.16 -7.33 8.68
N VAL D 25 29.01 -6.97 7.73
CA VAL D 25 28.62 -7.12 6.33
C VAL D 25 28.59 -8.59 5.99
N GLN D 26 27.82 -8.91 4.95
CA GLN D 26 27.60 -10.27 4.46
C GLN D 26 26.80 -11.11 5.43
N ALA D 27 26.15 -10.49 6.40
CA ALA D 27 25.18 -11.17 7.25
C ALA D 27 23.77 -10.72 6.92
N GLU D 28 22.80 -11.49 7.42
CA GLU D 28 21.40 -11.09 7.36
C GLU D 28 21.20 -9.78 8.08
N LEU D 29 21.57 -9.73 9.36
CA LEU D 29 21.53 -8.55 10.18
C LEU D 29 22.95 -8.16 10.58
N PRO D 30 23.27 -6.88 10.47
CA PRO D 30 24.67 -6.45 10.70
C PRO D 30 25.14 -6.55 12.15
N TYR D 31 24.23 -6.47 13.11
CA TYR D 31 24.61 -6.30 14.50
C TYR D 31 24.22 -7.45 15.41
N ASN D 32 24.15 -8.65 14.85
CA ASN D 32 23.86 -9.82 15.65
C ASN D 32 24.95 -10.04 16.67
N LYS D 33 26.20 -9.90 16.25
CA LYS D 33 27.29 -10.07 17.20
C LYS D 33 27.26 -9.02 18.29
N MET D 34 27.06 -7.77 17.90
CA MET D 34 26.93 -6.75 18.93
C MET D 34 25.81 -7.11 19.89
N ALA D 35 24.68 -7.58 19.34
CA ALA D 35 23.53 -7.91 20.18
C ALA D 35 23.89 -9.02 21.15
N MET D 36 24.63 -10.00 20.64
CA MET D 36 25.01 -11.15 21.46
C MET D 36 25.90 -10.72 22.61
N ILE D 37 26.92 -9.93 22.32
CA ILE D 37 27.79 -9.45 23.38
C ILE D 37 26.96 -8.70 24.43
N LEU D 38 26.09 -7.80 23.99
CA LEU D 38 25.34 -7.02 24.97
C LEU D 38 24.46 -7.92 25.83
N GLY D 39 23.73 -8.83 25.16
CA GLY D 39 22.86 -9.76 25.86
C GLY D 39 23.61 -10.60 26.87
N ASP D 40 24.81 -11.05 26.51
CA ASP D 40 25.56 -11.82 27.48
C ASP D 40 25.96 -10.97 28.68
N ILE D 41 26.57 -9.81 28.43
CA ILE D 41 27.01 -8.96 29.53
C ILE D 41 25.84 -8.49 30.35
N LEU D 42 24.71 -8.23 29.72
CA LEU D 42 23.54 -7.75 30.45
C LEU D 42 22.63 -8.87 30.90
N GLU D 43 23.01 -10.12 30.68
CA GLU D 43 22.22 -11.27 31.09
C GLU D 43 20.80 -11.16 30.57
N SER D 44 20.66 -10.94 29.27
CA SER D 44 19.34 -10.75 28.71
C SER D 44 19.33 -11.16 27.26
N ASN D 45 18.12 -11.37 26.74
CA ASN D 45 17.94 -11.28 25.29
C ASN D 45 17.98 -9.79 24.88
N ALA D 46 18.44 -9.50 23.65
CA ALA D 46 18.70 -8.13 23.19
C ALA D 46 18.33 -8.01 21.72
N TYR D 47 17.72 -6.89 21.39
CA TYR D 47 17.28 -6.56 20.05
C TYR D 47 17.68 -5.13 19.79
N ILE D 48 18.21 -4.87 18.61
CA ILE D 48 18.63 -3.53 18.23
C ILE D 48 17.76 -3.11 17.06
N ILE D 49 17.02 -2.02 17.25
CA ILE D 49 16.05 -1.47 16.32
C ILE D 49 16.60 -0.16 15.81
N SER D 50 16.58 0.02 14.50
CA SER D 50 17.02 1.24 13.86
C SER D 50 16.06 2.38 14.16
N SER D 51 16.46 3.57 13.74
CA SER D 51 15.61 4.73 13.95
C SER D 51 14.31 4.63 13.16
N SER D 52 14.30 3.87 12.07
CA SER D 52 13.12 3.67 11.26
C SER D 52 12.39 2.35 11.56
N GLY D 53 12.76 1.65 12.63
CA GLY D 53 12.01 0.47 13.06
C GLY D 53 12.43 -0.85 12.46
N ASP D 54 13.59 -0.92 11.84
CA ASP D 54 14.09 -2.17 11.29
C ASP D 54 14.90 -2.88 12.35
N LEU D 55 14.69 -4.15 12.45
CA LEU D 55 15.52 -4.92 13.34
C LEU D 55 16.91 -5.05 12.74
N LEU D 56 17.92 -4.51 13.43
CA LEU D 56 19.28 -4.55 12.91
C LEU D 56 20.10 -5.73 13.45
N GLY D 57 19.66 -6.32 14.55
CA GLY D 57 20.43 -7.41 15.13
C GLY D 57 19.76 -7.80 16.43
N TYR D 58 19.91 -9.07 16.82
CA TYR D 58 19.33 -9.55 18.06
C TYR D 58 20.01 -10.84 18.50
N THR D 59 19.78 -11.18 19.76
CA THR D 59 20.15 -12.46 20.31
C THR D 59 19.00 -12.91 21.18
N GLU D 60 18.55 -14.19 21.02
CA GLU D 60 17.60 -14.88 21.89
C GLU D 60 18.31 -16.14 22.34
N LYS D 61 18.32 -16.34 23.61
CA LYS D 61 19.09 -17.43 24.18
C LYS D 61 18.55 -18.77 23.66
N LEU D 62 19.39 -19.56 23.01
CA LEU D 62 18.98 -20.89 22.59
C LEU D 62 19.12 -21.83 23.77
N ASP D 63 18.09 -22.63 24.03
CA ASP D 63 18.22 -23.76 24.94
C ASP D 63 18.82 -24.92 24.13
N VAL D 64 20.15 -25.09 24.20
CA VAL D 64 20.85 -26.08 23.37
C VAL D 64 20.38 -27.50 23.71
N ASN D 65 20.19 -27.79 25.00
CA ASN D 65 19.81 -29.15 25.40
C ASN D 65 18.47 -29.58 24.81
N ASN D 66 17.54 -28.65 24.63
CA ASN D 66 16.22 -28.96 24.10
C ASN D 66 16.01 -28.32 22.72
N ALA D 67 17.09 -28.15 21.97
CA ALA D 67 17.02 -27.39 20.73
C ALA D 67 16.09 -28.07 19.72
N ARG D 68 15.32 -27.23 18.99
CA ARG D 68 14.33 -27.67 18.00
C ARG D 68 14.51 -26.93 16.69
N ILE D 69 14.45 -27.72 15.60
CA ILE D 69 14.69 -27.19 14.27
C ILE D 69 13.83 -25.97 14.00
N LYS D 70 12.58 -25.98 14.47
CA LYS D 70 11.70 -24.87 14.11
C LYS D 70 12.09 -23.61 14.85
N ASN D 71 12.54 -23.72 16.09
CA ASN D 71 12.85 -22.52 16.84
C ASN D 71 14.17 -21.88 16.41
N MET D 72 15.06 -22.63 15.79
CA MET D 72 16.35 -22.09 15.39
C MET D 72 16.30 -21.42 14.04
N PHE D 73 15.37 -21.82 13.18
CA PHE D 73 15.31 -21.26 11.84
C PHE D 73 14.29 -20.13 11.74
N LYS D 74 13.68 -19.73 12.86
CA LYS D 74 12.62 -18.73 12.81
C LYS D 74 13.21 -17.35 12.57
N GLU D 75 12.71 -16.67 11.54
CA GLU D 75 13.09 -15.29 11.31
C GLU D 75 12.41 -14.44 12.39
N LYS D 76 13.19 -13.76 13.21
CA LYS D 76 12.62 -12.84 14.19
C LYS D 76 12.03 -11.62 13.48
N LYS D 77 10.79 -11.29 13.80
CA LYS D 77 10.16 -10.07 13.31
C LYS D 77 9.32 -9.42 14.40
N PHE D 78 9.38 -8.13 14.45
CA PHE D 78 8.47 -7.43 15.33
C PHE D 78 7.35 -6.82 14.49
N PRO D 79 6.10 -6.79 14.97
CA PRO D 79 5.07 -6.07 14.23
C PRO D 79 5.46 -4.61 14.04
N GLN D 80 5.09 -4.07 12.88
CA GLN D 80 5.33 -2.66 12.59
C GLN D 80 4.74 -1.76 13.68
N GLY D 81 3.56 -2.13 14.20
CA GLY D 81 2.99 -1.23 15.18
C GLY D 81 3.75 -1.22 16.47
N TYR D 82 4.49 -2.31 16.74
CA TYR D 82 5.31 -2.42 17.94
C TYR D 82 6.54 -1.53 17.82
N THR D 83 7.24 -1.61 16.69
CA THR D 83 8.39 -0.75 16.47
C THR D 83 7.97 0.72 16.44
N GLU D 84 6.80 1.04 15.88
CA GLU D 84 6.33 2.43 15.95
C GLU D 84 6.04 2.82 17.39
N ALA D 85 5.45 1.92 18.19
CA ALA D 85 5.24 2.27 19.58
C ALA D 85 6.55 2.53 20.31
N VAL D 86 7.56 1.71 20.04
CA VAL D 86 8.81 1.81 20.78
C VAL D 86 9.47 3.15 20.50
N ASP D 87 9.38 3.62 19.25
CA ASP D 87 9.94 4.90 18.87
C ASP D 87 9.27 6.05 19.60
N MET D 88 8.03 5.88 20.07
CA MET D 88 7.35 6.93 20.81
C MET D 88 7.86 7.00 22.22
N LEU D 89 8.52 5.96 22.71
CA LEU D 89 9.19 6.07 24.01
C LEU D 89 10.43 6.93 23.82
N LYS D 90 10.53 8.01 24.59
CA LYS D 90 11.60 8.98 24.48
C LYS D 90 12.61 8.84 25.59
N VAL D 91 12.27 8.13 26.66
CA VAL D 91 13.21 7.83 27.75
C VAL D 91 13.11 6.34 28.05
N THR D 92 14.14 5.80 28.70
CA THR D 92 14.13 4.38 29.02
C THR D 92 12.92 4.01 29.88
N GLU D 93 12.29 2.88 29.55
CA GLU D 93 11.24 2.28 30.38
C GLU D 93 11.71 0.88 30.78
N ALA D 94 11.80 0.65 32.07
CA ALA D 94 12.35 -0.60 32.57
C ALA D 94 11.28 -1.47 33.18
N ASN D 95 11.53 -2.78 33.14
CA ASN D 95 10.69 -3.73 33.85
C ASN D 95 9.23 -3.65 33.38
N ILE D 96 9.07 -3.71 32.07
CA ILE D 96 7.74 -3.76 31.49
C ILE D 96 7.22 -5.19 31.57
N PRO D 97 6.08 -5.47 32.24
CA PRO D 97 5.56 -6.84 32.36
C PRO D 97 4.88 -7.33 31.09
N ILE D 98 4.53 -8.62 31.07
CA ILE D 98 4.06 -9.19 29.81
C ILE D 98 2.67 -8.69 29.46
N ASP D 99 1.94 -8.15 30.43
CA ASP D 99 0.61 -7.62 30.20
C ASP D 99 0.62 -6.27 29.49
N SER D 100 1.79 -5.67 29.31
CA SER D 100 1.90 -4.42 28.57
C SER D 100 2.00 -4.72 27.08
N ASP D 101 1.39 -3.88 26.27
CA ASP D 101 1.55 -3.98 24.82
C ASP D 101 2.99 -3.67 24.39
N LEU D 102 3.82 -3.11 25.29
CA LEU D 102 5.23 -2.91 24.97
C LEU D 102 6.09 -4.15 25.28
N THR D 103 5.48 -5.25 25.72
CA THR D 103 6.31 -6.40 26.05
C THR D 103 7.03 -6.88 24.80
N ALA D 104 8.26 -7.30 24.97
CA ALA D 104 9.01 -7.90 23.89
C ALA D 104 8.71 -9.39 23.72
N PHE D 105 7.97 -9.98 24.62
CA PHE D 105 7.66 -11.41 24.48
C PHE D 105 6.50 -11.64 23.50
N PRO D 106 6.69 -12.42 22.44
CA PRO D 106 5.52 -12.93 21.67
C PRO D 106 4.58 -13.79 22.52
N PHE D 107 3.39 -14.05 21.96
CA PHE D 107 2.38 -14.71 22.78
C PHE D 107 2.80 -16.11 23.23
N GLU D 108 3.55 -16.83 22.41
CA GLU D 108 4.02 -18.14 22.85
C GLU D 108 4.90 -18.00 24.09
N SER D 109 5.74 -16.97 24.13
CA SER D 109 6.61 -16.86 25.29
C SER D 109 5.91 -16.26 26.51
N ARG D 110 4.89 -15.43 26.28
CA ARG D 110 4.15 -14.87 27.41
C ARG D 110 3.48 -15.98 28.21
N GLU D 111 3.04 -17.05 27.54
CA GLU D 111 2.40 -18.17 28.25
C GLU D 111 3.40 -18.94 29.10
N LEU D 112 4.61 -19.10 28.59
CA LEU D 112 5.64 -19.78 29.36
C LEU D 112 6.26 -18.88 30.44
N TYR D 113 6.26 -17.55 30.25
CA TYR D 113 7.03 -16.64 31.10
C TYR D 113 6.14 -15.51 31.63
N PRO D 114 5.21 -15.82 32.50
CA PRO D 114 4.35 -14.77 33.06
C PRO D 114 5.17 -13.71 33.75
N PHE D 115 6.39 -14.03 34.17
CA PHE D 115 7.20 -13.05 34.88
C PHE D 115 8.16 -12.30 33.95
N GLY D 116 8.02 -12.50 32.63
CA GLY D 116 8.92 -11.86 31.69
C GLY D 116 8.93 -10.34 31.84
N LEU D 117 10.12 -9.78 31.76
CA LEU D 117 10.28 -8.36 31.93
C LEU D 117 10.99 -7.85 30.69
N THR D 118 10.53 -6.71 30.19
CA THR D 118 11.11 -6.05 29.02
C THR D 118 11.57 -4.65 29.44
N THR D 119 12.74 -4.23 28.97
CA THR D 119 13.28 -2.90 29.24
C THR D 119 13.68 -2.28 27.93
N ILE D 120 13.17 -1.09 27.64
CA ILE D 120 13.38 -0.45 26.36
C ILE D 120 14.23 0.78 26.54
N VAL D 121 15.33 0.84 25.78
CA VAL D 121 16.32 1.90 25.93
C VAL D 121 16.48 2.66 24.62
N PRO D 122 15.94 3.87 24.52
CA PRO D 122 16.18 4.68 23.31
C PRO D 122 17.66 4.96 23.13
N LEU D 123 18.08 4.96 21.88
CA LEU D 123 19.46 5.29 21.53
C LEU D 123 19.45 6.74 21.09
N TYR D 124 20.09 7.61 21.87
CA TYR D 124 20.29 9.00 21.51
C TYR D 124 21.78 9.26 21.46
N GLY D 125 22.20 9.96 20.41
CA GLY D 125 23.55 10.46 20.27
C GLY D 125 23.59 11.73 19.47
N ALA D 126 24.30 12.73 20.00
CA ALA D 126 24.50 13.99 19.29
C ALA D 126 23.18 14.66 18.95
N GLY D 127 22.19 14.49 19.82
CA GLY D 127 20.88 15.08 19.61
C GLY D 127 19.94 14.27 18.73
N LYS D 128 20.38 13.12 18.19
CA LYS D 128 19.61 12.33 17.24
C LYS D 128 19.15 11.01 17.83
N ARG D 129 17.91 10.66 17.54
CA ARG D 129 17.39 9.35 17.88
C ARG D 129 18.00 8.39 16.88
N LEU D 130 18.86 7.49 17.36
CA LEU D 130 19.55 6.57 16.48
C LEU D 130 18.92 5.18 16.41
N GLY D 131 17.93 4.91 17.25
CA GLY D 131 17.25 3.63 17.30
C GLY D 131 16.91 3.32 18.73
N THR D 132 16.77 2.02 18.98
CA THR D 132 16.36 1.51 20.27
C THR D 132 16.98 0.17 20.52
N ILE D 133 17.36 -0.09 21.76
CA ILE D 133 17.78 -1.41 22.18
C ILE D 133 16.77 -1.89 23.20
N ILE D 134 16.31 -3.13 23.00
CA ILE D 134 15.27 -3.76 23.81
C ILE D 134 15.89 -4.95 24.48
N LEU D 135 15.69 -5.08 25.80
CA LEU D 135 16.25 -6.15 26.61
C LEU D 135 15.10 -6.90 27.24
N ALA D 136 15.22 -8.23 27.34
CA ALA D 136 14.16 -9.09 27.87
C ALA D 136 14.76 -10.17 28.77
N ARG D 137 14.17 -10.35 29.95
CA ARG D 137 14.55 -11.40 30.90
C ARG D 137 13.30 -12.17 31.29
N VAL D 138 13.43 -13.49 31.42
CA VAL D 138 12.32 -14.33 31.85
C VAL D 138 11.85 -14.00 33.26
N GLU D 139 12.69 -13.43 34.13
CA GLU D 139 12.21 -13.20 35.50
C GLU D 139 12.90 -12.07 36.28
N LYS D 140 14.21 -12.01 36.19
CA LYS D 140 14.91 -11.12 37.09
C LYS D 140 14.74 -9.66 36.71
N SER D 141 14.54 -8.84 37.72
CA SER D 141 14.28 -7.44 37.48
C SER D 141 15.55 -6.71 37.06
N PHE D 142 15.36 -5.68 36.26
CA PHE D 142 16.45 -4.79 35.92
C PHE D 142 16.58 -3.79 37.06
N ASN D 143 17.62 -3.95 37.87
CA ASN D 143 17.87 -3.04 38.97
C ASN D 143 18.70 -1.83 38.48
N GLU D 144 19.12 -0.97 39.41
CA GLU D 144 19.84 0.23 39.03
C GLU D 144 21.19 -0.11 38.42
N ASP D 145 21.85 -1.15 38.90
CA ASP D 145 23.09 -1.56 38.24
C ASP D 145 22.83 -1.82 36.77
N ASP D 146 21.78 -2.57 36.47
CA ASP D 146 21.54 -3.03 35.10
C ASP D 146 21.22 -1.86 34.19
N LEU D 147 20.44 -0.90 34.70
CA LEU D 147 20.05 0.25 33.90
C LEU D 147 21.26 1.12 33.57
N VAL D 148 22.18 1.31 34.51
CA VAL D 148 23.38 2.06 34.19
C VAL D 148 24.09 1.39 33.04
N LEU D 149 24.32 0.10 33.18
CA LEU D 149 25.00 -0.68 32.15
C LEU D 149 24.23 -0.65 30.85
N ALA D 150 22.90 -0.75 30.93
CA ALA D 150 22.11 -0.69 29.72
C ALA D 150 22.24 0.67 29.04
N GLU D 151 22.17 1.76 29.84
CA GLU D 151 22.37 3.10 29.28
C GLU D 151 23.77 3.22 28.70
N TYR D 152 24.76 2.69 29.41
CA TYR D 152 26.10 2.69 28.84
C TYR D 152 26.12 1.97 27.50
N SER D 153 25.45 0.83 27.43
CA SER D 153 25.51 0.03 26.21
C SER D 153 24.88 0.74 25.05
N ALA D 154 23.81 1.48 25.34
CA ALA D 154 23.09 2.22 24.32
C ALA D 154 23.99 3.25 23.65
N THR D 155 24.80 3.95 24.43
CA THR D 155 25.69 4.94 23.85
C THR D 155 26.70 4.25 22.96
N VAL D 156 27.20 3.11 23.42
CA VAL D 156 28.20 2.39 22.65
C VAL D 156 27.60 1.91 21.34
N VAL D 157 26.41 1.33 21.40
CA VAL D 157 25.70 0.95 20.19
C VAL D 157 25.43 2.18 19.33
N GLY D 158 25.00 3.27 19.95
CA GLY D 158 24.80 4.47 19.18
C GLY D 158 26.03 4.85 18.41
N MET D 159 27.19 4.75 19.05
CA MET D 159 28.41 5.13 18.37
C MET D 159 28.63 4.26 17.15
N GLN D 160 28.36 2.96 17.26
CA GLN D 160 28.56 2.09 16.12
C GLN D 160 27.69 2.56 14.97
N ILE D 161 26.45 2.94 15.27
CA ILE D 161 25.52 3.32 14.21
C ILE D 161 25.98 4.61 13.55
N LEU D 162 26.32 5.62 14.36
CA LEU D 162 26.82 6.88 13.81
C LEU D 162 28.06 6.63 12.97
N TYR D 163 28.95 5.76 13.45
CA TYR D 163 30.19 5.52 12.72
C TYR D 163 29.92 4.85 11.39
N HIS D 164 29.05 3.85 11.38
CA HIS D 164 28.69 3.23 10.12
C HIS D 164 28.10 4.25 9.16
N GLN D 165 27.21 5.11 9.66
CA GLN D 165 26.61 6.10 8.77
C GLN D 165 27.67 6.96 8.12
N SER D 166 28.70 7.33 8.88
CA SER D 166 29.75 8.19 8.37
C SER D 166 30.63 7.43 7.39
N ARG D 167 30.88 6.16 7.66
CA ARG D 167 31.67 5.37 6.73
C ARG D 167 30.91 5.07 5.46
N THR D 168 29.58 5.11 5.50
CA THR D 168 28.83 4.88 4.27
C THR D 168 28.79 6.13 3.42
N ILE D 169 28.66 7.30 4.04
CA ILE D 169 28.66 8.54 3.27
C ILE D 169 30.02 8.72 2.61
N GLU D 170 31.10 8.38 3.33
CA GLU D 170 32.43 8.51 2.77
C GLU D 170 32.59 7.66 1.52
N ALA D 171 32.14 6.40 1.57
CA ALA D 171 32.31 5.51 0.43
C ALA D 171 31.41 5.88 -0.73
N GLU D 172 30.27 6.54 -0.46
CA GLU D 172 29.36 6.92 -1.54
C GLU D 172 29.97 8.01 -2.40
N VAL D 173 30.52 9.07 -1.79
CA VAL D 173 31.08 10.16 -2.58
C VAL D 173 32.37 9.73 -3.26
N ARG D 174 33.17 8.88 -2.62
CA ARG D 174 34.38 8.38 -3.27
C ARG D 174 34.05 7.64 -4.56
N SER D 175 33.01 6.82 -4.55
CA SER D 175 32.64 6.06 -5.74
C SER D 175 32.00 6.94 -6.79
N ALA D 176 31.14 7.88 -6.38
CA ALA D 176 30.54 8.80 -7.34
C ALA D 176 31.58 9.78 -7.88
N THR D 177 32.29 10.48 -6.98
CA THR D 177 33.26 11.47 -7.43
C THR D 177 34.32 10.84 -8.34
N ALA D 178 34.73 9.61 -8.05
CA ALA D 178 35.69 8.94 -8.93
C ALA D 178 35.10 8.74 -10.32
N VAL D 179 33.90 8.17 -10.40
CA VAL D 179 33.21 8.06 -11.67
C VAL D 179 33.07 9.44 -12.29
N GLN D 180 32.76 10.43 -11.46
CA GLN D 180 32.43 11.76 -11.96
C GLN D 180 33.58 12.39 -12.69
N MET D 181 34.77 12.33 -12.09
CA MET D 181 35.93 12.91 -12.74
C MET D 181 36.39 12.04 -13.90
N ALA D 182 36.24 10.73 -13.80
CA ALA D 182 36.62 9.87 -14.93
C ALA D 182 35.81 10.24 -16.17
N ILE D 183 34.51 10.52 -16.01
CA ILE D 183 33.72 11.00 -17.12
C ILE D 183 34.21 12.38 -17.57
N ASN D 184 34.50 13.26 -16.63
CA ASN D 184 34.95 14.60 -17.00
C ASN D 184 36.24 14.57 -17.79
N THR D 185 37.16 13.66 -17.44
CA THR D 185 38.47 13.68 -18.08
C THR D 185 38.41 13.22 -19.53
N LEU D 186 37.33 12.59 -19.94
CA LEU D 186 37.23 12.04 -21.27
C LEU D 186 36.81 13.14 -22.25
N SER D 187 37.30 13.04 -23.47
CA SER D 187 36.91 13.92 -24.56
C SER D 187 35.74 13.29 -25.31
N TYR D 188 35.30 13.96 -26.38
CA TYR D 188 34.25 13.36 -27.18
C TYR D 188 34.64 11.96 -27.68
N SER D 189 35.81 11.86 -28.33
CA SER D 189 36.29 10.56 -28.81
C SER D 189 36.46 9.60 -27.64
N GLU D 190 37.16 10.02 -26.59
CA GLU D 190 37.35 9.11 -25.47
C GLU D 190 36.03 8.69 -24.87
N LEU D 191 35.06 9.60 -24.85
CA LEU D 191 33.73 9.23 -24.35
C LEU D 191 33.09 8.24 -25.30
N LYS D 192 33.07 8.57 -26.59
CA LYS D 192 32.58 7.64 -27.60
C LYS D 192 33.35 6.33 -27.57
N ALA D 193 34.64 6.38 -27.24
CA ALA D 193 35.44 5.16 -27.13
C ALA D 193 35.01 4.30 -25.95
N VAL D 194 35.02 4.88 -24.75
CA VAL D 194 34.68 4.10 -23.56
C VAL D 194 33.30 3.47 -23.71
N HIS D 195 32.34 4.22 -24.22
CA HIS D 195 31.00 3.68 -24.43
C HIS D 195 31.06 2.33 -25.13
N ALA D 196 31.80 2.25 -26.24
CA ALA D 196 31.87 1.01 -26.99
C ALA D 196 32.62 -0.08 -26.23
N ILE D 197 33.53 0.31 -25.35
CA ILE D 197 34.25 -0.69 -24.57
C ILE D 197 33.29 -1.47 -23.68
N PHE D 198 32.45 -0.74 -22.92
CA PHE D 198 31.49 -1.41 -22.05
C PHE D 198 30.40 -2.12 -22.86
N GLU D 199 30.07 -1.59 -24.04
CA GLU D 199 29.12 -2.28 -24.90
C GLU D 199 29.67 -3.63 -25.35
N ALA D 200 30.89 -3.63 -25.90
CA ALA D 200 31.53 -4.90 -26.22
C ALA D 200 31.72 -5.75 -24.98
N LEU D 201 32.24 -5.14 -23.91
CA LEU D 201 32.44 -5.81 -22.63
C LEU D 201 31.10 -5.99 -21.91
N ASP D 202 30.20 -6.76 -22.49
CA ASP D 202 28.91 -6.95 -21.85
C ASP D 202 29.08 -7.72 -20.56
N GLY D 203 28.54 -7.16 -19.47
CA GLY D 203 28.81 -7.68 -18.14
C GLY D 203 29.87 -6.85 -17.44
N GLU D 204 30.39 -7.42 -16.35
CA GLU D 204 31.41 -6.74 -15.57
C GLU D 204 32.82 -7.14 -15.94
N GLU D 205 33.00 -8.26 -16.63
CA GLU D 205 34.32 -8.67 -17.11
C GLU D 205 34.26 -9.30 -18.50
N GLY D 206 35.38 -9.23 -19.21
CA GLY D 206 35.51 -9.88 -20.50
C GLY D 206 36.78 -9.46 -21.21
N ARG D 207 37.02 -10.12 -22.33
CA ARG D 207 38.15 -9.81 -23.19
C ARG D 207 37.73 -8.93 -24.35
N LEU D 208 38.65 -8.10 -24.83
CA LEU D 208 38.43 -7.21 -25.96
C LEU D 208 39.73 -7.08 -26.74
N THR D 209 39.59 -6.68 -28.01
CA THR D 209 40.73 -6.52 -28.94
C THR D 209 40.89 -5.04 -29.27
N ALA D 210 41.92 -4.42 -28.71
CA ALA D 210 42.09 -2.97 -28.84
C ALA D 210 42.01 -2.53 -30.30
N SER D 211 42.67 -3.26 -31.21
CA SER D 211 42.66 -2.90 -32.61
C SER D 211 41.24 -2.91 -33.17
N SER D 212 40.50 -4.00 -32.93
CA SER D 212 39.17 -4.15 -33.50
C SER D 212 38.26 -2.99 -33.13
N ILE D 213 38.28 -2.57 -31.86
CA ILE D 213 37.39 -1.49 -31.45
C ILE D 213 37.62 -0.26 -32.32
N ALA D 214 38.89 0.05 -32.59
CA ALA D 214 39.23 1.15 -33.49
C ALA D 214 38.52 1.00 -34.84
N ASP D 215 38.62 -0.19 -35.44
CA ASP D 215 37.98 -0.41 -36.73
C ASP D 215 36.47 -0.28 -36.63
N GLU D 216 35.88 -0.88 -35.61
CA GLU D 216 34.43 -0.89 -35.49
C GLU D 216 33.88 0.50 -35.28
N ILE D 217 34.67 1.37 -34.63
CA ILE D 217 34.21 2.67 -34.22
C ILE D 217 34.86 3.78 -35.02
N GLY D 218 35.92 3.48 -35.77
CA GLY D 218 36.61 4.49 -36.55
C GLY D 218 37.37 5.48 -35.70
N ILE D 219 38.01 5.01 -34.64
CA ILE D 219 38.84 5.83 -33.78
C ILE D 219 40.18 5.11 -33.64
N THR D 220 41.27 5.82 -33.89
CA THR D 220 42.60 5.24 -33.81
C THR D 220 42.86 4.59 -32.46
N ARG D 221 43.67 3.52 -32.51
CA ARG D 221 44.01 2.79 -31.30
C ARG D 221 44.48 3.74 -30.22
N SER D 222 45.24 4.77 -30.62
CA SER D 222 45.82 5.69 -29.64
C SER D 222 44.77 6.22 -28.67
N VAL D 223 43.64 6.70 -29.22
CA VAL D 223 42.57 7.21 -28.36
C VAL D 223 41.96 6.07 -27.55
N ILE D 224 41.79 4.90 -28.16
CA ILE D 224 41.21 3.77 -27.46
C ILE D 224 41.99 3.50 -26.18
N VAL D 225 43.31 3.51 -26.30
CA VAL D 225 44.16 3.20 -25.16
C VAL D 225 44.16 4.33 -24.15
N ASN D 226 44.16 5.59 -24.61
CA ASN D 226 44.14 6.67 -23.64
C ASN D 226 42.93 6.53 -22.73
N ALA D 227 41.78 6.12 -23.29
CA ALA D 227 40.61 5.85 -22.47
C ALA D 227 40.87 4.71 -21.50
N LEU D 228 41.61 3.69 -21.95
CA LEU D 228 41.93 2.56 -21.10
C LEU D 228 42.85 2.96 -19.95
N ARG D 229 44.07 3.44 -20.28
CA ARG D 229 45.03 3.79 -19.24
C ARG D 229 44.49 4.87 -18.31
N LYS D 230 43.61 5.73 -18.81
CA LYS D 230 42.98 6.72 -17.95
C LYS D 230 42.08 6.07 -16.91
N LEU D 231 41.18 5.20 -17.36
CA LEU D 231 40.22 4.55 -16.47
C LEU D 231 40.92 3.65 -15.45
N GLU D 232 41.90 2.87 -15.89
CA GLU D 232 42.55 1.94 -14.98
C GLU D 232 43.46 2.68 -13.99
N SER D 233 44.22 3.68 -14.47
CA SER D 233 45.01 4.52 -13.56
C SER D 233 44.11 5.38 -12.69
N ALA D 234 42.94 5.78 -13.20
CA ALA D 234 41.96 6.44 -12.37
C ALA D 234 41.31 5.48 -11.37
N GLY D 235 41.42 4.17 -11.62
CA GLY D 235 40.94 3.18 -10.69
C GLY D 235 39.49 2.77 -10.90
N ILE D 236 39.16 2.40 -12.13
CA ILE D 236 37.82 1.91 -12.43
C ILE D 236 37.83 0.55 -13.12
N ILE D 237 38.97 0.08 -13.65
CA ILE D 237 39.06 -1.22 -14.29
C ILE D 237 40.44 -1.79 -14.09
N GLU D 238 40.54 -3.10 -14.26
CA GLU D 238 41.80 -3.82 -14.16
C GLU D 238 42.08 -4.46 -15.51
N SER D 239 43.35 -4.53 -15.87
CA SER D 239 43.74 -5.07 -17.16
C SER D 239 45.05 -5.85 -17.08
N ARG D 240 45.14 -6.90 -17.89
CA ARG D 240 46.38 -7.67 -18.07
C ARG D 240 46.52 -7.94 -19.56
N SER D 241 47.75 -7.87 -20.05
CA SER D 241 48.00 -7.94 -21.48
C SER D 241 47.97 -9.37 -22.01
N LEU D 242 47.12 -9.59 -23.02
CA LEU D 242 47.08 -10.85 -23.76
C LEU D 242 47.79 -10.78 -25.11
N GLY D 243 48.40 -9.65 -25.45
CA GLY D 243 49.13 -9.57 -26.71
C GLY D 243 48.22 -9.57 -27.92
N MET D 244 48.63 -10.34 -28.93
CA MET D 244 47.85 -10.44 -30.15
C MET D 244 46.43 -10.90 -29.88
N LYS D 245 46.25 -11.77 -28.88
CA LYS D 245 44.93 -12.31 -28.59
C LYS D 245 43.95 -11.21 -28.18
N GLY D 246 44.47 -10.16 -27.55
CA GLY D 246 43.60 -9.03 -27.16
C GLY D 246 43.98 -8.46 -25.82
N THR D 247 42.98 -8.04 -25.06
CA THR D 247 43.16 -7.52 -23.71
C THR D 247 41.96 -7.87 -22.83
N TYR D 248 42.26 -8.18 -21.56
CA TYR D 248 41.29 -8.66 -20.56
C TYR D 248 41.02 -7.53 -19.57
N LEU D 249 39.77 -7.06 -19.44
CA LEU D 249 39.41 -6.00 -18.51
C LEU D 249 38.37 -6.50 -17.51
N LYS D 250 38.30 -5.86 -16.33
CA LYS D 250 37.36 -6.19 -15.20
C LYS D 250 36.73 -4.88 -14.68
N VAL D 251 35.41 -4.72 -14.70
CA VAL D 251 34.74 -3.54 -14.17
C VAL D 251 34.83 -3.56 -12.66
N LEU D 252 35.38 -2.50 -12.07
CA LEU D 252 35.51 -2.38 -10.63
C LEU D 252 34.54 -1.41 -9.97
N ASN D 253 34.02 -0.43 -10.69
CA ASN D 253 32.97 0.45 -10.18
C ASN D 253 31.75 0.26 -11.10
N GLN D 254 30.72 -0.41 -10.58
CA GLN D 254 29.58 -0.77 -11.42
C GLN D 254 28.59 0.38 -11.59
N GLN D 255 28.64 1.39 -10.72
CA GLN D 255 27.80 2.56 -10.91
C GLN D 255 28.29 3.46 -12.04
N PHE D 256 29.46 3.17 -12.62
CA PHE D 256 29.97 3.96 -13.74
C PHE D 256 29.00 3.90 -14.92
N ILE D 257 28.63 2.70 -15.33
CA ILE D 257 27.84 2.55 -16.55
C ILE D 257 26.51 3.28 -16.41
N LYS D 258 25.91 3.23 -15.23
CA LYS D 258 24.66 3.96 -15.02
C LYS D 258 24.83 5.43 -15.34
N GLU D 259 25.94 6.02 -14.92
CA GLU D 259 26.17 7.45 -15.13
C GLU D 259 26.53 7.77 -16.58
N LEU D 260 27.17 6.83 -17.27
CA LEU D 260 27.52 7.06 -18.67
C LEU D 260 26.33 6.86 -19.60
N GLU D 261 25.43 5.93 -19.29
CA GLU D 261 24.23 5.77 -20.09
C GLU D 261 23.19 6.87 -19.85
N LYS D 262 23.38 7.69 -18.82
CA LYS D 262 22.46 8.79 -18.57
C LYS D 262 22.50 9.81 -19.71
#